data_5O5X
#
_entry.id   5O5X
#
_cell.length_a   95.190
_cell.length_b   99.270
_cell.length_c   113.450
_cell.angle_alpha   90.000
_cell.angle_beta   90.000
_cell.angle_gamma   90.000
#
_symmetry.space_group_name_H-M   'P 21 21 21'
#
loop_
_entity.id
_entity.type
_entity.pdbx_description
1 polymer 'ADP-dependent glucokinase,ADP-dependent glucokinase,ADP-dependent glucokinase'
2 non-polymer 'SULFATE ION'
3 non-polymer GLYCEROL
4 water water
#
_entity_poly.entity_id   1
_entity_poly.type   'polypeptide(L)'
_entity_poly.pdbx_seq_one_letter_code
;MKESLKDRIRLWKRLYVNAFENALNAIPNVKGVLLAYNTNIDAIKYLDADDLEKRVTEKGKEKVFEIIENPPEKISSIEE
LLGGILRSIKLGKAMEWFVESEEVRRYLREWGWDELRIGGQAGIMANLLGGVYRIPTIVHVPQNPKLQAELFVDGPIYVP
VFEGNKLKLVHPKDAIAEEEELIHYIYEFPRGFQVFDVQAPRENRFIANADDYNARVYMRREFREGFEEITRNVELAIIS
GLQVLKEYYPDGTTYKDVLDRVESHLNILNRYNVKSHFEFAYTANRRVREALVELLPKFTSVGLNEVELASIMEIIGDEE
LAKEVLEGHIFSVIDAMNVLMDETGIERIHFHTYGYYLALTQGGGRQLAFVPTKIVASPKSTVGIGDTISSSAFVSEFGG
GGGVRDALLFASLAAAAKAMKGNLERIEQIRDALSVPTNERAIVLEEELEKEFTEFENGLIDMV
;
_entity_poly.pdbx_strand_id   A,B
#
loop_
_chem_comp.id
_chem_comp.type
_chem_comp.name
_chem_comp.formula
GOL non-polymer GLYCEROL 'C3 H8 O3'
SO4 non-polymer 'SULFATE ION' 'O4 S -2'
#
# COMPACT_ATOMS: atom_id res chain seq x y z
N MET A 1 -20.72 -3.18 8.48
CA MET A 1 -20.38 -1.82 8.89
C MET A 1 -21.30 -1.35 10.02
N LYS A 2 -20.72 -0.70 11.01
CA LYS A 2 -21.51 -0.17 12.12
C LYS A 2 -22.33 1.03 11.67
N GLU A 3 -23.44 1.25 12.38
CA GLU A 3 -24.25 2.45 12.15
C GLU A 3 -23.45 3.72 12.44
N SER A 4 -22.65 3.70 13.50
CA SER A 4 -21.82 4.88 13.82
C SER A 4 -20.84 5.19 12.71
N LEU A 5 -20.35 4.16 12.00
CA LEU A 5 -19.47 4.40 10.87
C LEU A 5 -20.25 4.95 9.67
N LYS A 6 -21.39 4.34 9.37
CA LYS A 6 -22.21 4.80 8.26
C LYS A 6 -22.66 6.24 8.47
N ASP A 7 -22.99 6.60 9.72
CA ASP A 7 -23.32 7.99 10.04
C ASP A 7 -22.12 8.90 9.80
N ARG A 8 -20.93 8.49 10.25
CA ARG A 8 -19.75 9.32 10.11
C ARG A 8 -19.38 9.53 8.65
N ILE A 9 -19.53 8.49 7.83
CA ILE A 9 -19.25 8.63 6.41
C ILE A 9 -20.15 9.69 5.78
N ARG A 10 -21.43 9.70 6.16
CA ARG A 10 -22.36 10.70 5.63
C ARG A 10 -22.00 12.10 6.13
N LEU A 11 -21.62 12.20 7.41
CA LEU A 11 -21.20 13.50 7.95
C LEU A 11 -20.00 14.04 7.19
N TRP A 12 -19.02 13.20 6.88
CA TRP A 12 -17.80 13.69 6.22
C TRP A 12 -18.07 14.05 4.77
N LYS A 13 -18.96 13.33 4.08
CA LYS A 13 -19.34 13.77 2.73
C LYS A 13 -19.93 15.17 2.76
N ARG A 14 -20.71 15.48 3.79
CA ARG A 14 -21.27 16.83 3.92
C ARG A 14 -20.17 17.86 4.16
N LEU A 15 -19.32 17.62 5.16
CA LEU A 15 -18.26 18.59 5.47
C LEU A 15 -17.33 18.77 4.29
N TYR A 16 -17.11 17.72 3.49
CA TYR A 16 -16.21 17.83 2.34
C TYR A 16 -16.82 18.71 1.25
N VAL A 17 -18.11 18.55 0.96
CA VAL A 17 -18.70 19.39 -0.07
C VAL A 17 -18.86 20.83 0.42
N ASN A 18 -19.09 21.02 1.73
CA ASN A 18 -19.18 22.38 2.26
C ASN A 18 -17.82 23.06 2.27
N ALA A 19 -16.77 22.34 2.66
CA ALA A 19 -15.43 22.93 2.67
C ALA A 19 -14.97 23.30 1.27
N PHE A 20 -15.37 22.52 0.26
CA PHE A 20 -15.07 22.88 -1.11
C PHE A 20 -15.79 24.17 -1.51
N GLU A 21 -17.05 24.33 -1.10
CA GLU A 21 -17.77 25.56 -1.38
C GLU A 21 -17.07 26.75 -0.75
N ASN A 22 -16.71 26.64 0.53
CA ASN A 22 -16.06 27.75 1.23
C ASN A 22 -14.75 28.13 0.56
N ALA A 23 -13.99 27.14 0.07
CA ALA A 23 -12.70 27.43 -0.54
C ALA A 23 -12.84 28.18 -1.85
N LEU A 24 -13.77 27.76 -2.71
CA LEU A 24 -14.00 28.47 -3.96
C LEU A 24 -14.43 29.91 -3.71
N ASN A 25 -15.13 30.17 -2.60
CA ASN A 25 -15.63 31.52 -2.34
C ASN A 25 -14.58 32.43 -1.72
N ALA A 26 -13.56 31.88 -1.07
CA ALA A 26 -12.59 32.71 -0.34
C ALA A 26 -11.29 32.93 -1.08
N ILE A 27 -10.86 31.97 -1.89
CA ILE A 27 -9.61 32.04 -2.62
C ILE A 27 -9.56 33.30 -3.48
N PRO A 28 -10.66 33.70 -4.15
CA PRO A 28 -10.66 34.99 -4.85
C PRO A 28 -10.42 36.20 -3.96
N ASN A 29 -10.55 36.06 -2.63
CA ASN A 29 -10.35 37.19 -1.73
C ASN A 29 -8.90 37.42 -1.34
N VAL A 30 -8.01 36.46 -1.58
CA VAL A 30 -6.60 36.64 -1.24
C VAL A 30 -6.00 37.69 -2.15
N LYS A 31 -5.52 38.79 -1.57
CA LYS A 31 -4.97 39.88 -2.35
C LYS A 31 -3.71 39.45 -3.09
N GLY A 32 -2.88 38.62 -2.48
CA GLY A 32 -1.68 38.15 -3.15
C GLY A 32 -0.91 37.23 -2.23
N VAL A 33 -0.07 36.40 -2.86
CA VAL A 33 0.80 35.47 -2.14
C VAL A 33 2.22 35.61 -2.67
N LEU A 34 3.19 35.61 -1.76
CA LEU A 34 4.60 35.65 -2.10
C LEU A 34 5.18 34.25 -1.95
N LEU A 35 5.90 33.78 -2.96
CA LEU A 35 6.52 32.45 -2.96
C LEU A 35 8.02 32.57 -3.13
N ALA A 36 8.77 31.96 -2.21
CA ALA A 36 10.23 32.06 -2.18
C ALA A 36 10.77 30.84 -1.42
N TYR A 37 11.97 30.35 -1.76
CA TYR A 37 12.90 30.99 -2.68
C TYR A 37 13.28 30.15 -3.91
N ASN A 38 12.94 28.86 -3.92
CA ASN A 38 13.57 27.90 -4.81
C ASN A 38 12.72 27.67 -6.05
N THR A 39 13.25 28.07 -7.20
CA THR A 39 12.67 27.82 -8.51
C THR A 39 13.78 27.33 -9.44
N ASN A 40 13.52 26.26 -10.18
CA ASN A 40 14.51 25.72 -11.11
C ASN A 40 13.79 25.05 -12.26
N ILE A 41 14.56 24.33 -13.08
CA ILE A 41 14.05 23.59 -14.22
C ILE A 41 14.22 22.10 -13.92
N ASP A 42 13.16 21.32 -14.13
CA ASP A 42 13.20 19.86 -14.00
C ASP A 42 13.16 19.24 -15.40
N ALA A 43 14.22 18.52 -15.76
CA ALA A 43 14.33 17.87 -17.06
C ALA A 43 14.24 16.36 -16.85
N ILE A 44 13.21 15.74 -17.42
CA ILE A 44 12.93 14.33 -17.19
C ILE A 44 13.30 13.56 -18.45
N LYS A 45 14.13 12.53 -18.28
CA LYS A 45 14.48 11.59 -19.33
C LYS A 45 14.03 10.20 -18.94
N TYR A 46 13.28 9.55 -19.82
CA TYR A 46 12.93 8.15 -19.66
C TYR A 46 14.02 7.33 -20.30
N LEU A 47 14.83 6.66 -19.46
CA LEU A 47 16.06 6.04 -19.93
C LEU A 47 15.79 4.99 -20.99
N ASP A 48 16.69 4.93 -21.97
CA ASP A 48 16.65 3.96 -23.05
C ASP A 48 17.84 3.03 -22.90
N ALA A 49 17.57 1.72 -22.87
CA ALA A 49 18.61 0.73 -22.61
C ALA A 49 19.72 0.80 -23.65
N ASP A 50 19.36 0.77 -24.94
CA ASP A 50 20.38 0.81 -25.98
C ASP A 50 21.17 2.11 -25.95
N ASP A 51 20.50 3.23 -25.74
CA ASP A 51 21.20 4.51 -25.63
C ASP A 51 22.16 4.51 -24.44
N LEU A 52 21.69 4.03 -23.28
CA LEU A 52 22.54 4.00 -22.09
C LEU A 52 23.73 3.07 -22.29
N GLU A 53 23.49 1.87 -22.85
CA GLU A 53 24.60 0.94 -23.10
C GLU A 53 25.63 1.55 -24.04
N LYS A 54 25.17 2.21 -25.10
CA LYS A 54 26.09 2.78 -26.07
C LYS A 54 26.92 3.91 -25.47
N ARG A 55 26.35 4.67 -24.53
CA ARG A 55 27.10 5.74 -23.90
C ARG A 55 28.09 5.20 -22.88
N VAL A 56 27.71 4.15 -22.15
CA VAL A 56 28.65 3.53 -21.21
C VAL A 56 29.84 2.94 -21.96
N THR A 57 29.59 2.16 -23.02
CA THR A 57 30.69 1.57 -23.77
C THR A 57 31.52 2.63 -24.47
N GLU A 58 30.92 3.77 -24.81
CA GLU A 58 31.68 4.87 -25.41
C GLU A 58 32.71 5.41 -24.44
N LYS A 59 32.35 5.54 -23.17
CA LYS A 59 33.22 6.12 -22.16
C LYS A 59 34.07 5.08 -21.43
N GLY A 60 33.94 3.80 -21.79
CA GLY A 60 34.69 2.75 -21.12
C GLY A 60 33.84 2.02 -20.09
N LYS A 61 33.40 0.81 -20.44
CA LYS A 61 32.53 0.05 -19.55
C LYS A 61 33.23 -0.28 -18.24
N GLU A 62 34.54 -0.50 -18.28
CA GLU A 62 35.28 -0.94 -17.10
C GLU A 62 35.22 0.12 -15.99
N LYS A 63 35.67 1.34 -16.29
CA LYS A 63 35.71 2.37 -15.26
C LYS A 63 34.32 2.76 -14.78
N VAL A 64 33.32 2.72 -15.67
CA VAL A 64 31.96 3.04 -15.25
C VAL A 64 31.45 2.00 -14.26
N PHE A 65 31.80 0.73 -14.47
CA PHE A 65 31.39 -0.30 -13.53
C PHE A 65 32.17 -0.23 -12.23
N GLU A 66 33.44 0.20 -12.28
CA GLU A 66 34.17 0.51 -11.05
C GLU A 66 33.40 1.51 -10.20
N ILE A 67 32.80 2.51 -10.84
CA ILE A 67 32.12 3.58 -10.10
C ILE A 67 30.85 3.06 -9.45
N ILE A 68 30.21 2.04 -10.02
CA ILE A 68 29.00 1.48 -9.43
C ILE A 68 29.28 1.00 -8.00
N GLU A 69 30.44 0.37 -7.78
CA GLU A 69 30.76 -0.17 -6.48
C GLU A 69 31.54 0.79 -5.59
N ASN A 70 32.17 1.81 -6.16
CA ASN A 70 32.90 2.83 -5.42
C ASN A 70 32.31 4.20 -5.76
N PRO A 71 31.10 4.48 -5.30
CA PRO A 71 30.40 5.70 -5.73
C PRO A 71 31.01 6.94 -5.10
N PRO A 72 31.27 7.97 -5.89
CA PRO A 72 31.83 9.21 -5.34
C PRO A 72 30.73 10.08 -4.75
N GLU A 73 31.17 11.18 -4.12
CA GLU A 73 30.21 12.12 -3.55
C GLU A 73 29.46 12.88 -4.64
N LYS A 74 30.20 13.58 -5.51
CA LYS A 74 29.63 14.37 -6.58
C LYS A 74 30.03 13.82 -7.93
N ILE A 75 29.28 14.20 -8.96
CA ILE A 75 29.64 13.87 -10.34
C ILE A 75 30.73 14.84 -10.80
N SER A 76 31.92 14.32 -11.06
CA SER A 76 33.05 15.08 -11.58
C SER A 76 33.40 14.71 -13.00
N SER A 77 32.80 13.66 -13.56
CA SER A 77 33.13 13.19 -14.90
C SER A 77 31.91 12.50 -15.49
N ILE A 78 31.97 12.27 -16.80
CA ILE A 78 30.88 11.57 -17.48
C ILE A 78 30.79 10.13 -16.99
N GLU A 79 31.93 9.51 -16.70
CA GLU A 79 31.93 8.15 -16.17
C GLU A 79 31.23 8.08 -14.82
N GLU A 80 31.44 9.09 -13.97
CA GLU A 80 30.77 9.10 -12.67
C GLU A 80 29.28 9.36 -12.82
N LEU A 81 28.87 10.14 -13.83
CA LEU A 81 27.46 10.33 -14.10
C LEU A 81 26.80 9.01 -14.52
N LEU A 82 27.43 8.29 -15.45
CA LEU A 82 26.85 7.03 -15.92
C LEU A 82 26.92 5.95 -14.84
N GLY A 83 28.02 5.90 -14.10
CA GLY A 83 28.11 4.95 -13.00
C GLY A 83 27.05 5.16 -11.94
N GLY A 84 26.74 6.43 -11.65
CA GLY A 84 25.71 6.73 -10.67
C GLY A 84 24.33 6.30 -11.14
N ILE A 85 24.04 6.45 -12.44
CA ILE A 85 22.76 6.01 -12.97
C ILE A 85 22.63 4.49 -12.88
N LEU A 86 23.68 3.75 -13.24
CA LEU A 86 23.63 2.30 -13.16
C LEU A 86 23.53 1.83 -11.71
N ARG A 87 24.15 2.55 -10.78
CA ARG A 87 24.04 2.19 -9.37
C ARG A 87 22.60 2.36 -8.89
N SER A 88 21.97 3.47 -9.28
CA SER A 88 20.56 3.66 -8.97
C SER A 88 19.71 2.55 -9.58
N ILE A 89 20.06 2.11 -10.80
CA ILE A 89 19.32 1.02 -11.43
C ILE A 89 19.52 -0.27 -10.66
N LYS A 90 20.78 -0.63 -10.40
CA LYS A 90 21.09 -1.88 -9.70
C LYS A 90 20.37 -1.96 -8.36
N LEU A 91 20.32 -0.87 -7.61
CA LEU A 91 19.73 -0.88 -6.29
C LEU A 91 18.25 -0.54 -6.28
N GLY A 92 17.69 -0.06 -7.40
CA GLY A 92 16.35 0.47 -7.39
C GLY A 92 16.20 1.53 -6.33
N LYS A 93 17.14 2.48 -6.30
CA LYS A 93 17.31 3.42 -5.21
C LYS A 93 17.21 4.85 -5.73
N ALA A 94 16.39 5.66 -5.07
CA ALA A 94 16.32 7.08 -5.38
C ALA A 94 17.62 7.75 -4.95
N MET A 95 18.33 8.37 -5.91
CA MET A 95 19.61 8.99 -5.65
C MET A 95 19.67 10.36 -6.34
N GLU A 96 20.48 11.25 -5.75
CA GLU A 96 20.74 12.55 -6.36
C GLU A 96 22.18 12.95 -6.06
N TRP A 97 22.97 13.14 -7.11
CA TRP A 97 24.36 13.59 -7.00
C TRP A 97 24.49 14.95 -7.66
N PHE A 98 25.32 15.80 -7.07
CA PHE A 98 25.58 17.13 -7.61
C PHE A 98 26.63 17.06 -8.70
N VAL A 99 26.41 17.80 -9.78
CA VAL A 99 27.34 17.85 -10.91
C VAL A 99 28.30 19.03 -10.70
N GLU A 100 29.55 18.74 -10.35
CA GLU A 100 30.53 19.77 -10.06
C GLU A 100 31.47 20.03 -11.23
N SER A 101 31.19 19.47 -12.41
CA SER A 101 32.00 19.68 -13.60
C SER A 101 31.17 20.36 -14.67
N GLU A 102 31.68 21.47 -15.21
CA GLU A 102 31.00 22.17 -16.30
C GLU A 102 30.97 21.31 -17.56
N GLU A 103 32.01 20.52 -17.81
CA GLU A 103 32.01 19.67 -18.98
C GLU A 103 30.91 18.62 -18.92
N VAL A 104 30.68 18.04 -17.74
CA VAL A 104 29.59 17.08 -17.59
C VAL A 104 28.25 17.76 -17.84
N ARG A 105 28.14 19.03 -17.43
CA ARG A 105 26.88 19.75 -17.62
C ARG A 105 26.58 19.99 -19.09
N ARG A 106 27.62 20.21 -19.91
CA ARG A 106 27.39 20.30 -21.35
C ARG A 106 26.94 18.95 -21.90
N TYR A 107 27.52 17.86 -21.40
CA TYR A 107 27.09 16.53 -21.81
C TYR A 107 25.62 16.29 -21.44
N LEU A 108 25.22 16.69 -20.23
CA LEU A 108 23.85 16.52 -19.79
C LEU A 108 22.88 17.29 -20.68
N ARG A 109 23.19 18.57 -20.94
CA ARG A 109 22.31 19.39 -21.78
C ARG A 109 22.19 18.81 -23.18
N GLU A 110 23.30 18.36 -23.76
CA GLU A 110 23.29 17.75 -25.09
C GLU A 110 22.46 16.48 -25.11
N TRP A 111 22.56 15.67 -24.05
CA TRP A 111 21.80 14.42 -23.97
C TRP A 111 20.30 14.69 -24.01
N GLY A 112 19.86 15.79 -23.40
CA GLY A 112 18.49 16.23 -23.56
C GLY A 112 17.53 15.61 -22.56
N TRP A 113 16.25 15.62 -22.94
CA TRP A 113 15.19 15.22 -22.03
C TRP A 113 13.94 14.96 -22.86
N ASP A 114 13.02 14.22 -22.24
CA ASP A 114 11.76 13.94 -22.92
C ASP A 114 10.67 14.93 -22.54
N GLU A 115 10.72 15.48 -21.34
CA GLU A 115 9.76 16.51 -20.96
C GLU A 115 10.42 17.47 -19.99
N LEU A 116 9.90 18.70 -20.01
CA LEU A 116 10.46 19.79 -19.22
C LEU A 116 9.33 20.40 -18.41
N ARG A 117 9.54 20.51 -17.10
CA ARG A 117 8.54 21.11 -16.24
C ARG A 117 9.23 21.90 -15.13
N ILE A 118 8.50 22.84 -14.56
CA ILE A 118 9.10 23.69 -13.55
C ILE A 118 9.42 22.87 -12.30
N GLY A 119 10.47 23.28 -11.60
CA GLY A 119 10.86 22.63 -10.36
C GLY A 119 11.05 23.67 -9.27
N GLY A 120 11.31 23.18 -8.06
CA GLY A 120 11.43 24.04 -6.91
C GLY A 120 10.09 24.30 -6.28
N GLN A 121 10.03 24.32 -4.95
CA GLN A 121 8.76 24.44 -4.25
C GLN A 121 8.08 25.78 -4.54
N ALA A 122 8.85 26.85 -4.71
CA ALA A 122 8.22 28.13 -5.07
C ALA A 122 7.75 28.10 -6.52
N GLY A 123 8.50 27.44 -7.39
CA GLY A 123 8.11 27.36 -8.79
C GLY A 123 6.82 26.59 -9.01
N ILE A 124 6.72 25.38 -8.44
CA ILE A 124 5.54 24.57 -8.70
C ILE A 124 4.32 25.15 -8.00
N MET A 125 4.51 25.86 -6.89
CA MET A 125 3.36 26.46 -6.24
C MET A 125 2.89 27.73 -6.93
N ALA A 126 3.77 28.39 -7.68
CA ALA A 126 3.33 29.51 -8.50
C ALA A 126 2.38 29.04 -9.60
N ASN A 127 2.68 27.89 -10.21
CA ASN A 127 1.79 27.34 -11.23
C ASN A 127 0.46 26.88 -10.62
N LEU A 128 0.48 26.35 -9.40
CA LEU A 128 -0.75 25.94 -8.74
C LEU A 128 -1.55 27.14 -8.23
N LEU A 129 -0.94 27.96 -7.37
CA LEU A 129 -1.67 29.06 -6.75
C LEU A 129 -2.04 30.13 -7.76
N GLY A 130 -1.12 30.43 -8.68
CA GLY A 130 -1.41 31.40 -9.71
C GLY A 130 -2.18 30.83 -10.88
N GLY A 131 -1.68 29.72 -11.42
CA GLY A 131 -2.29 29.17 -12.63
C GLY A 131 -3.63 28.51 -12.38
N VAL A 132 -3.75 27.75 -11.29
CA VAL A 132 -4.98 26.99 -11.05
C VAL A 132 -5.95 27.75 -10.15
N TYR A 133 -5.45 28.35 -9.06
CA TYR A 133 -6.33 29.03 -8.12
C TYR A 133 -6.58 30.48 -8.49
N ARG A 134 -5.85 31.02 -9.48
CA ARG A 134 -6.01 32.39 -9.98
C ARG A 134 -5.70 33.43 -8.91
N ILE A 135 -4.85 33.09 -7.97
CA ILE A 135 -4.40 34.04 -6.95
C ILE A 135 -3.23 34.84 -7.50
N PRO A 136 -3.25 36.19 -7.40
CA PRO A 136 -2.05 36.98 -7.74
C PRO A 136 -0.83 36.49 -6.97
N THR A 137 0.21 36.09 -7.70
CA THR A 137 1.36 35.43 -7.12
C THR A 137 2.65 36.14 -7.52
N ILE A 138 3.51 36.40 -6.55
CA ILE A 138 4.86 36.90 -6.79
C ILE A 138 5.82 35.79 -6.41
N VAL A 139 6.61 35.33 -7.38
CA VAL A 139 7.48 34.17 -7.19
C VAL A 139 8.93 34.60 -7.33
N HIS A 140 9.78 34.09 -6.45
CA HIS A 140 11.21 34.30 -6.56
C HIS A 140 11.80 33.31 -7.57
N VAL A 141 12.45 33.84 -8.60
CA VAL A 141 13.11 33.05 -9.61
C VAL A 141 14.59 33.46 -9.65
N PRO A 142 15.48 32.66 -9.03
CA PRO A 142 16.89 33.08 -8.91
C PRO A 142 17.56 33.40 -10.24
N GLN A 143 17.35 32.56 -11.26
CA GLN A 143 17.88 32.78 -12.59
C GLN A 143 16.76 32.50 -13.58
N ASN A 144 16.49 33.44 -14.48
CA ASN A 144 15.32 33.37 -15.35
C ASN A 144 15.69 33.50 -16.83
N PRO A 145 16.46 32.55 -17.37
CA PRO A 145 16.65 32.51 -18.82
C PRO A 145 15.38 32.03 -19.51
N LYS A 146 15.40 32.11 -20.84
CA LYS A 146 14.23 31.74 -21.63
C LYS A 146 13.71 30.34 -21.28
N LEU A 147 14.63 29.38 -21.11
CA LEU A 147 14.22 28.02 -20.79
C LEU A 147 13.48 27.95 -19.46
N GLN A 148 13.85 28.82 -18.51
CA GLN A 148 13.20 28.84 -17.20
C GLN A 148 11.88 29.60 -17.24
N ALA A 149 11.84 30.73 -17.94
CA ALA A 149 10.67 31.60 -17.89
C ALA A 149 9.45 30.97 -18.55
N GLU A 150 9.66 30.18 -19.62
CA GLU A 150 8.55 29.58 -20.35
C GLU A 150 7.88 28.44 -19.60
N LEU A 151 8.46 27.96 -18.51
CA LEU A 151 7.87 26.87 -17.75
C LEU A 151 6.71 27.31 -16.85
N PHE A 152 6.43 28.61 -16.78
CA PHE A 152 5.28 29.09 -16.02
C PHE A 152 4.03 29.03 -16.90
N VAL A 153 2.89 28.69 -16.28
CA VAL A 153 1.63 28.65 -17.02
C VAL A 153 1.05 30.06 -17.09
N ASP A 154 0.01 30.23 -17.91
CA ASP A 154 -0.67 31.51 -18.01
C ASP A 154 -1.50 31.77 -16.76
N GLY A 155 -1.54 33.03 -16.35
CA GLY A 155 -2.29 33.43 -15.18
C GLY A 155 -1.61 34.56 -14.44
N PRO A 156 -2.15 34.94 -13.26
CA PRO A 156 -1.58 36.06 -12.48
C PRO A 156 -0.33 35.68 -11.71
N ILE A 157 0.71 35.28 -12.45
CA ILE A 157 2.02 34.94 -11.91
C ILE A 157 2.98 36.06 -12.29
N TYR A 158 3.73 36.57 -11.30
CA TYR A 158 4.54 37.76 -11.53
C TYR A 158 5.92 37.63 -10.89
N VAL A 159 6.89 38.31 -11.50
CA VAL A 159 8.22 38.48 -10.90
C VAL A 159 8.52 39.97 -10.82
N PRO A 160 9.32 40.41 -9.85
CA PRO A 160 9.70 41.83 -9.80
C PRO A 160 10.87 42.12 -10.72
N VAL A 161 10.84 43.32 -11.33
CA VAL A 161 11.93 43.80 -12.16
C VAL A 161 12.15 45.28 -11.85
N PHE A 162 13.34 45.77 -12.19
CA PHE A 162 13.70 47.16 -11.96
C PHE A 162 13.74 47.89 -13.29
N GLU A 163 12.85 48.86 -13.47
CA GLU A 163 12.93 49.79 -14.59
C GLU A 163 13.63 51.04 -14.07
N GLY A 164 14.95 50.93 -13.94
CA GLY A 164 15.73 51.98 -13.34
C GLY A 164 15.75 51.85 -11.82
N ASN A 165 14.95 52.67 -11.14
CA ASN A 165 14.84 52.60 -9.69
C ASN A 165 13.46 52.19 -9.22
N LYS A 166 12.49 52.03 -10.12
CA LYS A 166 11.13 51.65 -9.77
C LYS A 166 10.89 50.18 -10.11
N LEU A 167 10.14 49.50 -9.25
CA LEU A 167 9.97 48.05 -9.34
C LEU A 167 8.61 47.73 -9.99
N LYS A 168 8.65 46.98 -11.07
CA LYS A 168 7.47 46.55 -11.80
C LYS A 168 7.22 45.06 -11.59
N LEU A 169 6.00 44.63 -11.88
CA LEU A 169 5.57 43.24 -11.71
C LEU A 169 5.04 42.74 -13.05
N VAL A 170 5.76 41.79 -13.66
CA VAL A 170 5.42 41.30 -14.98
C VAL A 170 5.39 39.77 -14.95
N HIS A 171 4.75 39.19 -15.96
CA HIS A 171 4.78 37.76 -16.12
C HIS A 171 6.23 37.30 -16.37
N PRO A 172 6.61 36.12 -15.86
CA PRO A 172 7.99 35.67 -16.06
C PRO A 172 8.44 35.63 -17.50
N LYS A 173 7.53 35.34 -18.44
CA LYS A 173 7.90 35.32 -19.86
C LYS A 173 8.28 36.70 -20.37
N ASP A 174 7.88 37.76 -19.68
CA ASP A 174 8.20 39.13 -20.06
C ASP A 174 9.41 39.67 -19.31
N ALA A 175 10.09 38.84 -18.53
CA ALA A 175 11.23 39.27 -17.73
C ALA A 175 12.40 38.30 -17.90
N ILE A 176 12.65 37.86 -19.13
CA ILE A 176 13.76 36.94 -19.39
C ILE A 176 15.07 37.71 -19.26
N ALA A 177 16.05 37.09 -18.59
CA ALA A 177 17.34 37.71 -18.34
C ALA A 177 18.46 36.82 -18.87
N GLU A 178 19.65 37.42 -19.01
CA GLU A 178 20.85 36.70 -19.42
C GLU A 178 21.44 35.98 -18.21
N GLU A 179 20.74 34.92 -17.80
CA GLU A 179 21.05 34.21 -16.58
C GLU A 179 21.13 32.71 -16.84
N GLU A 180 21.55 31.97 -15.81
CA GLU A 180 21.89 30.57 -15.96
C GLU A 180 20.65 29.68 -15.96
N GLU A 181 20.70 28.61 -16.76
CA GLU A 181 19.69 27.57 -16.71
C GLU A 181 19.98 26.66 -15.51
N LEU A 182 19.05 26.60 -14.57
CA LEU A 182 19.23 25.79 -13.35
C LEU A 182 18.45 24.50 -13.54
N ILE A 183 19.13 23.47 -14.04
CA ILE A 183 18.49 22.24 -14.47
C ILE A 183 18.84 21.11 -13.51
N HIS A 184 17.81 20.43 -13.03
CA HIS A 184 17.97 19.14 -12.36
C HIS A 184 17.56 18.07 -13.36
N TYR A 185 18.50 17.21 -13.75
CA TYR A 185 18.26 16.17 -14.74
C TYR A 185 17.76 14.91 -14.03
N ILE A 186 16.60 14.41 -14.45
CA ILE A 186 15.93 13.30 -13.78
C ILE A 186 15.82 12.11 -14.73
N TYR A 187 16.49 11.01 -14.39
CA TYR A 187 16.56 9.83 -15.24
C TYR A 187 15.72 8.72 -14.61
N GLU A 188 14.53 8.51 -15.16
CA GLU A 188 13.59 7.53 -14.63
C GLU A 188 13.74 6.20 -15.37
N PHE A 189 13.43 5.12 -14.64
CA PHE A 189 13.51 3.77 -15.20
C PHE A 189 12.49 2.87 -14.52
N PRO A 190 11.86 1.96 -15.25
CA PRO A 190 10.85 1.08 -14.65
C PRO A 190 11.50 -0.12 -13.97
N ARG A 191 10.67 -0.83 -13.18
CA ARG A 191 11.09 -2.11 -12.65
C ARG A 191 11.40 -3.07 -13.79
N GLY A 192 12.55 -3.72 -13.73
CA GLY A 192 12.97 -4.62 -14.78
C GLY A 192 13.77 -3.98 -15.89
N PHE A 193 13.98 -2.66 -15.84
CA PHE A 193 14.90 -2.01 -16.77
C PHE A 193 16.25 -2.71 -16.72
N GLN A 194 16.78 -3.06 -17.86
CA GLN A 194 18.03 -3.77 -17.88
C GLN A 194 19.05 -3.16 -18.78
N VAL A 195 20.26 -3.06 -18.26
CA VAL A 195 21.37 -2.55 -19.02
C VAL A 195 22.52 -3.50 -18.69
N PHE A 196 23.13 -4.09 -19.71
CA PHE A 196 24.17 -5.08 -19.46
C PHE A 196 23.58 -6.14 -18.54
N ASP A 197 24.25 -6.45 -17.47
CA ASP A 197 23.75 -7.39 -16.48
C ASP A 197 23.06 -6.70 -15.31
N VAL A 198 22.85 -5.39 -15.39
CA VAL A 198 22.23 -4.62 -14.32
C VAL A 198 20.74 -4.51 -14.59
N GLN A 199 19.93 -4.88 -13.61
CA GLN A 199 18.49 -4.92 -13.77
C GLN A 199 17.83 -4.31 -12.54
N ALA A 200 16.88 -3.42 -12.77
CA ALA A 200 16.26 -2.69 -11.67
C ALA A 200 15.30 -3.59 -10.91
N PRO A 201 15.38 -3.62 -9.57
CA PRO A 201 14.35 -4.34 -8.80
C PRO A 201 13.08 -3.53 -8.59
N ARG A 202 13.16 -2.22 -8.73
CA ARG A 202 12.03 -1.32 -8.58
C ARG A 202 12.16 -0.19 -9.60
N GLU A 203 11.03 0.43 -9.91
CA GLU A 203 11.09 1.72 -10.57
C GLU A 203 11.70 2.75 -9.62
N ASN A 204 12.47 3.66 -10.18
CA ASN A 204 13.06 4.77 -9.41
C ASN A 204 13.65 5.76 -10.39
N ARG A 205 14.48 6.67 -9.88
CA ARG A 205 15.08 7.70 -10.72
C ARG A 205 16.37 8.20 -10.10
N PHE A 206 17.31 8.57 -10.96
CA PHE A 206 18.58 9.18 -10.57
C PHE A 206 18.57 10.63 -11.01
N ILE A 207 18.93 11.54 -10.11
CA ILE A 207 18.91 12.96 -10.37
C ILE A 207 20.34 13.49 -10.41
N ALA A 208 20.71 14.12 -11.53
CA ALA A 208 21.96 14.86 -11.63
C ALA A 208 21.63 16.34 -11.46
N ASN A 209 22.07 16.92 -10.35
CA ASN A 209 21.75 18.30 -10.00
C ASN A 209 22.83 19.22 -10.55
N ALA A 210 22.46 20.07 -11.51
CA ALA A 210 23.38 21.02 -12.12
C ALA A 210 23.02 22.46 -11.76
N ASP A 211 22.62 22.70 -10.51
CA ASP A 211 22.02 23.96 -10.05
C ASP A 211 22.87 24.51 -8.91
N ASP A 212 23.78 25.43 -9.23
CA ASP A 212 24.63 26.06 -8.22
C ASP A 212 23.90 27.12 -7.40
N TYR A 213 22.78 27.65 -7.88
CA TYR A 213 22.21 28.84 -7.27
C TYR A 213 21.21 28.51 -6.17
N ASN A 214 20.24 27.63 -6.45
CA ASN A 214 19.33 27.19 -5.40
C ASN A 214 20.04 26.41 -4.31
N ALA A 215 21.21 25.82 -4.61
CA ALA A 215 21.99 25.13 -3.57
C ALA A 215 22.48 26.11 -2.51
N ARG A 216 22.67 27.37 -2.88
CA ARG A 216 23.11 28.39 -1.94
C ARG A 216 21.96 29.30 -1.47
N VAL A 217 20.72 28.98 -1.85
CA VAL A 217 19.59 29.89 -1.69
C VAL A 217 20.02 31.27 -2.20
N TYR A 218 20.39 31.33 -3.48
CA TYR A 218 20.66 32.62 -4.10
C TYR A 218 19.40 33.47 -4.14
N MET A 219 19.52 34.74 -3.77
CA MET A 219 18.42 35.69 -3.82
C MET A 219 18.74 36.75 -4.87
N ARG A 220 17.84 36.93 -5.84
CA ARG A 220 18.14 37.91 -6.88
C ARG A 220 17.98 39.33 -6.35
N ARG A 221 18.55 40.28 -7.11
CA ARG A 221 18.69 41.65 -6.63
C ARG A 221 17.35 42.30 -6.35
N GLU A 222 16.32 41.96 -7.11
CA GLU A 222 15.00 42.56 -6.88
C GLU A 222 14.46 42.19 -5.51
N PHE A 223 14.73 40.98 -5.03
CA PHE A 223 14.28 40.55 -3.71
C PHE A 223 15.16 41.08 -2.58
N ARG A 224 16.43 41.39 -2.86
CA ARG A 224 17.30 41.91 -1.81
C ARG A 224 17.20 43.41 -1.63
N GLU A 225 16.69 44.13 -2.63
CA GLU A 225 16.59 45.59 -2.56
C GLU A 225 15.16 46.10 -2.67
N GLY A 226 14.22 45.28 -3.14
CA GLY A 226 12.86 45.74 -3.28
C GLY A 226 11.86 44.85 -2.54
N PHE A 227 12.31 44.21 -1.47
CA PHE A 227 11.43 43.30 -0.75
C PHE A 227 10.24 44.03 -0.14
N GLU A 228 10.48 45.22 0.40
CA GLU A 228 9.42 45.99 1.03
C GLU A 228 8.35 46.37 0.02
N GLU A 229 8.77 46.80 -1.17
CA GLU A 229 7.80 47.12 -2.22
C GLU A 229 7.05 45.87 -2.67
N ILE A 230 7.73 44.72 -2.70
CA ILE A 230 7.06 43.46 -3.01
C ILE A 230 6.06 43.10 -1.93
N THR A 231 6.45 43.27 -0.66
CA THR A 231 5.58 42.89 0.45
C THR A 231 4.27 43.66 0.42
N ARG A 232 4.30 44.93 -0.01
CA ARG A 232 3.10 45.75 -0.04
C ARG A 232 2.05 45.21 -1.01
N ASN A 233 2.39 44.24 -1.86
CA ASN A 233 1.48 43.71 -2.87
C ASN A 233 0.92 42.34 -2.51
N VAL A 234 1.18 41.84 -1.30
CA VAL A 234 0.75 40.49 -0.94
C VAL A 234 0.14 40.50 0.45
N GLU A 235 -0.69 39.49 0.70
CA GLU A 235 -1.31 39.24 2.00
C GLU A 235 -0.72 38.03 2.70
N LEU A 236 -0.17 37.08 1.94
CA LEU A 236 0.36 35.84 2.47
C LEU A 236 1.73 35.59 1.86
N ALA A 237 2.53 34.79 2.56
CA ALA A 237 3.81 34.34 2.04
C ALA A 237 4.03 32.88 2.41
N ILE A 238 4.65 32.13 1.49
CA ILE A 238 5.05 30.75 1.74
C ILE A 238 6.55 30.65 1.46
N ILE A 239 7.31 30.22 2.46
CA ILE A 239 8.77 30.21 2.40
C ILE A 239 9.26 28.77 2.32
N SER A 240 10.19 28.51 1.41
CA SER A 240 10.68 27.15 1.19
C SER A 240 12.11 27.21 0.65
N GLY A 241 12.76 26.06 0.62
CA GLY A 241 14.05 25.91 -0.02
C GLY A 241 15.25 26.00 0.89
N LEU A 242 15.04 26.30 2.17
CA LEU A 242 16.16 26.45 3.10
C LEU A 242 16.74 25.12 3.55
N GLN A 243 16.08 24.00 3.22
CA GLN A 243 16.55 22.70 3.66
C GLN A 243 17.89 22.33 3.07
N VAL A 244 18.32 23.02 2.01
CA VAL A 244 19.59 22.69 1.36
C VAL A 244 20.79 23.34 2.03
N LEU A 245 20.57 24.22 3.00
CA LEU A 245 21.66 25.05 3.51
C LEU A 245 22.72 24.20 4.23
N LYS A 246 23.98 24.44 3.89
CA LYS A 246 25.09 23.82 4.58
C LYS A 246 25.58 24.71 5.70
N GLU A 247 26.25 24.09 6.67
CA GLU A 247 26.84 24.85 7.76
C GLU A 247 27.95 25.76 7.26
N TYR A 248 28.80 25.26 6.36
CA TYR A 248 29.94 26.00 5.84
C TYR A 248 30.01 25.85 4.32
N TYR A 249 30.51 26.89 3.67
CA TYR A 249 30.65 26.93 2.23
C TYR A 249 32.10 27.28 1.85
N PRO A 250 32.58 26.78 0.70
CA PRO A 250 34.01 26.94 0.38
C PRO A 250 34.48 28.38 0.29
N ASP A 251 33.57 29.34 0.07
CA ASP A 251 33.98 30.74 -0.02
C ASP A 251 34.06 31.40 1.35
N GLY A 252 33.85 30.66 2.43
CA GLY A 252 33.91 31.22 3.76
C GLY A 252 32.57 31.69 4.33
N THR A 253 31.48 31.55 3.58
CA THR A 253 30.17 31.93 4.07
C THR A 253 29.51 30.74 4.74
N THR A 254 28.53 31.04 5.59
CA THR A 254 27.82 30.03 6.37
C THR A 254 26.32 30.16 6.13
N TYR A 255 25.57 29.26 6.75
CA TYR A 255 24.11 29.33 6.67
C TYR A 255 23.59 30.60 7.29
N LYS A 256 24.31 31.15 8.26
CA LYS A 256 23.86 32.37 8.94
C LYS A 256 23.76 33.53 7.97
N ASP A 257 24.65 33.60 6.98
CA ASP A 257 24.58 34.66 5.99
C ASP A 257 23.26 34.63 5.24
N VAL A 258 22.72 33.43 4.98
CA VAL A 258 21.45 33.30 4.28
C VAL A 258 20.28 33.56 5.23
N LEU A 259 20.31 32.94 6.41
CA LEU A 259 19.19 33.08 7.34
C LEU A 259 19.06 34.52 7.83
N ASP A 260 20.17 35.25 7.95
CA ASP A 260 20.07 36.67 8.31
C ASP A 260 19.22 37.42 7.31
N ARG A 261 19.39 37.14 6.01
CA ARG A 261 18.56 37.77 5.00
C ARG A 261 17.12 37.29 5.09
N VAL A 262 16.91 35.99 5.31
CA VAL A 262 15.56 35.48 5.52
C VAL A 262 14.92 36.16 6.73
N GLU A 263 15.69 36.35 7.80
CA GLU A 263 15.14 36.98 8.99
C GLU A 263 14.75 38.43 8.71
N SER A 264 15.55 39.14 7.92
CA SER A 264 15.17 40.50 7.52
C SER A 264 13.89 40.49 6.70
N HIS A 265 13.73 39.49 5.83
CA HIS A 265 12.49 39.38 5.06
C HIS A 265 11.29 39.15 5.97
N LEU A 266 11.44 38.25 6.95
CA LEU A 266 10.35 38.00 7.90
C LEU A 266 10.00 39.26 8.68
N ASN A 267 11.01 40.04 9.09
CA ASN A 267 10.74 41.28 9.80
C ASN A 267 9.93 42.24 8.94
N ILE A 268 10.22 42.29 7.65
CA ILE A 268 9.45 43.13 6.74
C ILE A 268 8.04 42.61 6.59
N LEU A 269 7.88 41.29 6.44
CA LEU A 269 6.55 40.70 6.33
C LEU A 269 5.71 41.00 7.57
N ASN A 270 6.30 40.83 8.75
CA ASN A 270 5.54 41.04 9.98
C ASN A 270 5.21 42.51 10.21
N ARG A 271 6.09 43.42 9.80
CA ARG A 271 5.78 44.84 9.91
C ARG A 271 4.58 45.21 9.06
N TYR A 272 4.33 44.46 7.99
CA TYR A 272 3.15 44.65 7.15
C TYR A 272 2.03 43.66 7.47
N ASN A 273 2.17 42.88 8.55
CA ASN A 273 1.16 41.92 8.99
C ASN A 273 0.85 40.86 7.93
N VAL A 274 1.82 40.54 7.08
CA VAL A 274 1.64 39.44 6.15
C VAL A 274 1.75 38.12 6.90
N LYS A 275 0.81 37.21 6.65
CA LYS A 275 0.87 35.88 7.24
C LYS A 275 1.86 35.01 6.47
N SER A 276 2.81 34.41 7.19
CA SER A 276 3.87 33.63 6.59
C SER A 276 3.71 32.15 6.93
N HIS A 277 4.03 31.30 5.96
CA HIS A 277 3.94 29.85 6.12
C HIS A 277 5.26 29.23 5.68
N PHE A 278 5.91 28.51 6.61
CA PHE A 278 7.21 27.91 6.35
C PHE A 278 7.04 26.42 6.02
N GLU A 279 7.63 25.99 4.92
CA GLU A 279 7.64 24.57 4.56
C GLU A 279 8.91 23.96 5.13
N PHE A 280 8.76 23.17 6.19
CA PHE A 280 9.93 22.65 6.91
C PHE A 280 10.32 21.28 6.37
N ALA A 281 10.79 21.29 5.13
CA ALA A 281 11.30 20.09 4.49
C ALA A 281 12.53 19.57 5.24
N TYR A 282 12.82 18.29 5.04
CA TYR A 282 13.90 17.61 5.74
C TYR A 282 15.22 18.34 5.57
N THR A 283 15.84 18.70 6.69
CA THR A 283 17.09 19.48 6.70
C THR A 283 18.18 18.60 7.29
N ALA A 284 19.09 18.13 6.43
CA ALA A 284 20.09 17.15 6.86
C ALA A 284 21.02 17.72 7.93
N ASN A 285 21.49 18.96 7.75
CA ASN A 285 22.40 19.54 8.72
C ASN A 285 21.65 19.85 10.02
N ARG A 286 22.10 19.26 11.12
CA ARG A 286 21.37 19.39 12.39
C ARG A 286 21.48 20.81 12.94
N ARG A 287 22.62 21.47 12.77
CA ARG A 287 22.76 22.85 13.24
C ARG A 287 21.83 23.78 12.46
N VAL A 288 21.81 23.63 11.13
CA VAL A 288 20.90 24.43 10.32
C VAL A 288 19.45 24.15 10.71
N ARG A 289 19.14 22.88 11.00
CA ARG A 289 17.80 22.52 11.46
C ARG A 289 17.45 23.23 12.77
N GLU A 290 18.40 23.30 13.69
CA GLU A 290 18.16 24.01 14.95
C GLU A 290 17.90 25.48 14.72
N ALA A 291 18.63 26.09 13.78
CA ALA A 291 18.45 27.51 13.50
C ALA A 291 17.10 27.76 12.84
N LEU A 292 16.65 26.83 11.99
CA LEU A 292 15.32 26.97 11.38
C LEU A 292 14.24 26.93 12.44
N VAL A 293 14.40 26.09 13.47
CA VAL A 293 13.43 26.05 14.55
C VAL A 293 13.46 27.36 15.33
N GLU A 294 14.65 27.93 15.54
CA GLU A 294 14.77 29.22 16.19
C GLU A 294 14.19 30.36 15.37
N LEU A 295 13.93 30.13 14.07
CA LEU A 295 13.36 31.16 13.21
C LEU A 295 11.83 31.12 13.17
N LEU A 296 11.23 29.97 13.50
CA LEU A 296 9.78 29.75 13.48
C LEU A 296 8.98 30.77 14.29
N PRO A 297 9.47 31.30 15.42
CA PRO A 297 8.68 32.30 16.14
C PRO A 297 8.30 33.51 15.30
N LYS A 298 9.01 33.79 14.22
CA LYS A 298 8.67 34.92 13.37
C LYS A 298 7.73 34.54 12.23
N PHE A 299 7.45 33.24 12.06
CA PHE A 299 6.47 32.77 11.10
C PHE A 299 5.08 32.73 11.75
N THR A 300 4.06 32.92 10.91
CA THR A 300 2.69 32.67 11.36
C THR A 300 2.41 31.18 11.47
N SER A 301 2.96 30.37 10.56
CA SER A 301 2.53 29.00 10.39
C SER A 301 3.66 28.15 9.80
N VAL A 302 3.55 26.83 9.99
CA VAL A 302 4.54 25.88 9.49
C VAL A 302 3.82 24.58 9.11
N GLY A 303 4.26 23.95 8.03
CA GLY A 303 3.71 22.68 7.60
C GLY A 303 4.79 21.62 7.51
N LEU A 304 4.40 20.38 7.77
CA LEU A 304 5.35 19.27 7.77
C LEU A 304 4.60 17.94 7.71
N ASN A 305 5.31 16.90 7.27
CA ASN A 305 4.78 15.54 7.25
C ASN A 305 5.43 14.72 8.35
N GLU A 306 5.21 13.40 8.31
CA GLU A 306 5.67 12.54 9.40
C GLU A 306 7.19 12.47 9.44
N VAL A 307 7.86 12.44 8.29
CA VAL A 307 9.32 12.38 8.28
C VAL A 307 9.90 13.72 8.75
N GLU A 308 9.27 14.81 8.36
CA GLU A 308 9.80 16.13 8.70
C GLU A 308 9.60 16.44 10.17
N LEU A 309 8.46 16.05 10.73
CA LEU A 309 8.21 16.29 12.15
C LEU A 309 9.10 15.40 13.02
N ALA A 310 9.28 14.13 12.62
CA ALA A 310 10.20 13.27 13.35
C ALA A 310 11.61 13.83 13.34
N SER A 311 12.06 14.33 12.19
CA SER A 311 13.39 14.93 12.09
C SER A 311 13.54 16.10 13.06
N ILE A 312 12.48 16.88 13.25
CA ILE A 312 12.54 18.00 14.18
C ILE A 312 12.56 17.49 15.62
N MET A 313 11.83 16.41 15.90
CA MET A 313 11.83 15.83 17.24
C MET A 313 13.18 15.23 17.61
N GLU A 314 14.08 15.03 16.63
CA GLU A 314 15.42 14.56 16.94
C GLU A 314 16.25 15.60 17.68
N ILE A 315 15.91 16.88 17.58
CA ILE A 315 16.71 17.93 18.18
C ILE A 315 16.00 18.64 19.33
N ILE A 316 14.68 18.57 19.42
CA ILE A 316 13.95 19.18 20.53
C ILE A 316 13.06 18.20 21.29
N GLY A 317 12.82 17.01 20.74
CA GLY A 317 12.09 15.98 21.46
C GLY A 317 13.01 14.90 21.97
N ASP A 318 12.54 13.67 22.02
CA ASP A 318 13.37 12.53 22.39
C ASP A 318 13.38 11.52 21.25
N GLU A 319 14.33 10.59 21.32
CA GLU A 319 14.53 9.65 20.22
C GLU A 319 13.31 8.76 20.02
N GLU A 320 12.78 8.21 21.12
CA GLU A 320 11.63 7.31 21.01
C GLU A 320 10.41 8.03 20.46
N LEU A 321 10.23 9.30 20.83
CA LEU A 321 9.11 10.07 20.29
C LEU A 321 9.23 10.23 18.78
N ALA A 322 10.45 10.45 18.27
CA ALA A 322 10.64 10.62 16.84
C ALA A 322 10.22 9.38 16.06
N LYS A 323 10.53 8.19 16.59
CA LYS A 323 10.21 6.96 15.89
C LYS A 323 8.70 6.77 15.78
N GLU A 324 7.97 7.08 16.85
CA GLU A 324 6.51 6.99 16.80
C GLU A 324 5.91 7.98 15.82
N VAL A 325 6.44 9.20 15.78
CA VAL A 325 5.96 10.20 14.82
C VAL A 325 6.22 9.76 13.39
N LEU A 326 7.38 9.12 13.16
CA LEU A 326 7.73 8.65 11.83
C LEU A 326 6.69 7.67 11.30
N GLU A 327 6.11 6.84 12.17
CA GLU A 327 5.10 5.87 11.77
C GLU A 327 3.69 6.46 11.75
N GLY A 328 3.54 7.74 12.09
CA GLY A 328 2.24 8.37 12.05
C GLY A 328 1.30 8.01 13.18
N HIS A 329 1.83 7.54 14.31
CA HIS A 329 0.99 7.20 15.46
C HIS A 329 0.44 8.48 16.07
N ILE A 330 -0.89 8.62 16.05
CA ILE A 330 -1.51 9.95 16.09
C ILE A 330 -1.29 10.63 17.43
N PHE A 331 -1.24 9.89 18.53
CA PHE A 331 -1.05 10.52 19.83
C PHE A 331 0.38 11.01 20.00
N SER A 332 1.35 10.28 19.47
CA SER A 332 2.72 10.76 19.49
C SER A 332 2.90 11.96 18.57
N VAL A 333 2.19 11.98 17.45
CA VAL A 333 2.19 13.16 16.58
C VAL A 333 1.66 14.37 17.34
N ILE A 334 0.54 14.20 18.05
CA ILE A 334 -0.07 15.31 18.77
C ILE A 334 0.89 15.86 19.81
N ASP A 335 1.52 14.96 20.59
CA ASP A 335 2.54 15.39 21.54
C ASP A 335 3.66 16.15 20.84
N ALA A 336 4.10 15.65 19.69
CA ALA A 336 5.19 16.30 18.96
C ALA A 336 4.78 17.69 18.50
N MET A 337 3.54 17.87 18.05
CA MET A 337 3.08 19.19 17.64
C MET A 337 3.02 20.15 18.82
N ASN A 338 2.70 19.66 20.01
CA ASN A 338 2.76 20.50 21.20
C ASN A 338 4.20 20.76 21.63
N VAL A 339 5.09 19.78 21.45
CA VAL A 339 6.50 20.00 21.73
C VAL A 339 7.05 21.10 20.83
N LEU A 340 6.65 21.09 19.56
CA LEU A 340 7.11 22.11 18.64
C LEU A 340 6.51 23.47 18.98
N MET A 341 5.23 23.50 19.33
CA MET A 341 4.59 24.77 19.65
C MET A 341 5.08 25.34 20.99
N ASP A 342 5.37 24.47 21.95
CA ASP A 342 5.98 24.93 23.20
C ASP A 342 7.34 25.57 22.95
N GLU A 343 8.12 24.99 22.03
CA GLU A 343 9.49 25.45 21.82
C GLU A 343 9.53 26.78 21.08
N THR A 344 8.55 27.04 20.21
CA THR A 344 8.58 28.22 19.34
C THR A 344 7.48 29.22 19.59
N GLY A 345 6.36 28.82 20.20
CA GLY A 345 5.24 29.72 20.35
C GLY A 345 4.50 30.06 19.08
N ILE A 346 4.69 29.27 18.02
CA ILE A 346 4.12 29.60 16.72
C ILE A 346 2.60 29.43 16.76
N GLU A 347 1.91 30.18 15.91
CA GLU A 347 0.46 30.24 15.97
C GLU A 347 -0.20 29.01 15.37
N ARG A 348 0.41 28.41 14.36
CA ARG A 348 -0.25 27.35 13.58
C ARG A 348 0.77 26.32 13.14
N ILE A 349 0.42 25.04 13.30
CA ILE A 349 1.20 23.92 12.79
C ILE A 349 0.26 23.00 12.03
N HIS A 350 0.60 22.71 10.77
CA HIS A 350 -0.19 21.79 9.94
C HIS A 350 0.64 20.53 9.68
N PHE A 351 0.18 19.41 10.24
CA PHE A 351 0.78 18.10 10.00
C PHE A 351 -0.05 17.36 8.97
N HIS A 352 0.62 16.74 8.00
CA HIS A 352 -0.04 15.93 6.99
C HIS A 352 0.68 14.61 6.80
N THR A 353 -0.09 13.54 6.68
CA THR A 353 0.47 12.23 6.43
C THR A 353 -0.57 11.42 5.66
N TYR A 354 -0.21 10.19 5.32
CA TYR A 354 -1.13 9.30 4.63
C TYR A 354 -2.35 9.02 5.50
N GLY A 355 -3.53 9.42 5.04
CA GLY A 355 -4.78 9.07 5.67
C GLY A 355 -5.44 10.19 6.46
N TYR A 356 -4.66 11.09 7.06
CA TYR A 356 -5.25 12.13 7.89
C TYR A 356 -4.31 13.34 7.97
N TYR A 357 -4.91 14.50 8.28
CA TYR A 357 -4.18 15.73 8.61
C TYR A 357 -4.50 16.15 10.03
N LEU A 358 -3.57 16.92 10.63
CA LEU A 358 -3.77 17.55 11.92
C LEU A 358 -3.31 19.00 11.86
N ALA A 359 -4.07 19.89 12.50
CA ALA A 359 -3.70 21.28 12.62
C ALA A 359 -3.81 21.69 14.08
N LEU A 360 -2.70 22.12 14.66
CA LEU A 360 -2.67 22.67 16.01
C LEU A 360 -2.53 24.18 15.92
N THR A 361 -3.50 24.90 16.45
CA THR A 361 -3.52 26.35 16.43
C THR A 361 -3.63 26.89 17.85
N GLN A 362 -3.00 28.05 18.07
CA GLN A 362 -3.02 28.71 19.37
C GLN A 362 -3.86 29.97 19.29
N GLY A 363 -4.77 30.12 20.25
CA GLY A 363 -5.54 31.34 20.40
C GLY A 363 -5.63 31.70 21.87
N GLY A 364 -6.86 31.81 22.39
CA GLY A 364 -7.04 31.82 23.83
C GLY A 364 -6.71 30.48 24.46
N GLY A 365 -6.75 29.41 23.67
CA GLY A 365 -6.29 28.10 24.09
C GLY A 365 -5.94 27.31 22.86
N ARG A 366 -5.14 26.27 23.04
CA ARG A 366 -4.71 25.47 21.90
C ARG A 366 -5.85 24.62 21.38
N GLN A 367 -6.10 24.69 20.08
CA GLN A 367 -7.16 23.94 19.43
C GLN A 367 -6.54 22.94 18.46
N LEU A 368 -7.12 21.74 18.39
CA LEU A 368 -6.63 20.68 17.53
C LEU A 368 -7.71 20.28 16.54
N ALA A 369 -7.37 20.30 15.26
CA ALA A 369 -8.30 19.96 14.19
C ALA A 369 -7.83 18.69 13.48
N PHE A 370 -8.77 17.79 13.20
CA PHE A 370 -8.49 16.49 12.60
C PHE A 370 -9.34 16.30 11.34
N VAL A 371 -8.75 15.69 10.32
CA VAL A 371 -9.45 15.46 9.06
C VAL A 371 -9.00 14.15 8.43
N PRO A 372 -9.93 13.25 8.07
CA PRO A 372 -9.55 12.09 7.25
C PRO A 372 -9.49 12.49 5.77
N THR A 373 -8.48 11.96 5.09
CA THR A 373 -8.17 12.38 3.74
C THR A 373 -8.80 11.44 2.71
N LYS A 374 -8.59 11.77 1.45
CA LYS A 374 -9.08 10.97 0.32
C LYS A 374 -7.87 10.39 -0.41
N ILE A 375 -7.74 9.07 -0.37
CA ILE A 375 -6.56 8.39 -0.89
C ILE A 375 -6.85 7.87 -2.29
N VAL A 376 -6.00 8.25 -3.24
CA VAL A 376 -6.04 7.70 -4.59
C VAL A 376 -5.13 6.48 -4.63
N ALA A 377 -5.68 5.34 -5.04
CA ALA A 377 -4.95 4.07 -4.95
C ALA A 377 -3.77 4.03 -5.91
N SER A 378 -3.97 4.44 -7.16
CA SER A 378 -2.91 4.43 -8.17
C SER A 378 -2.80 5.81 -8.78
N PRO A 379 -2.06 6.71 -8.15
CA PRO A 379 -2.02 8.10 -8.64
C PRO A 379 -1.22 8.22 -9.92
N LYS A 380 -1.74 9.07 -10.83
CA LYS A 380 -1.03 9.37 -12.06
C LYS A 380 0.22 10.20 -11.82
N SER A 381 0.31 10.90 -10.68
CA SER A 381 1.48 11.68 -10.34
C SER A 381 1.57 11.84 -8.83
N THR A 382 2.79 11.82 -8.31
CA THR A 382 3.02 12.04 -6.89
C THR A 382 3.89 13.25 -6.60
N VAL A 383 4.39 13.94 -7.63
CA VAL A 383 5.30 15.05 -7.42
C VAL A 383 4.52 16.29 -7.01
N GLY A 384 5.05 17.02 -6.03
CA GLY A 384 4.42 18.23 -5.57
C GLY A 384 3.18 18.05 -4.73
N ILE A 385 2.86 16.83 -4.29
CA ILE A 385 1.65 16.61 -3.51
C ILE A 385 1.79 17.23 -2.12
N GLY A 386 2.93 17.03 -1.46
CA GLY A 386 3.12 17.57 -0.13
C GLY A 386 3.04 19.09 -0.09
N ASP A 387 3.66 19.75 -1.08
CA ASP A 387 3.56 21.20 -1.17
C ASP A 387 2.14 21.64 -1.48
N THR A 388 1.47 20.91 -2.38
CA THR A 388 0.06 21.19 -2.68
C THR A 388 -0.80 21.16 -1.42
N ILE A 389 -0.62 20.13 -0.58
CA ILE A 389 -1.42 20.02 0.64
C ILE A 389 -1.15 21.19 1.57
N SER A 390 0.13 21.44 1.86
CA SER A 390 0.49 22.45 2.85
C SER A 390 0.12 23.86 2.37
N SER A 391 0.33 24.16 1.08
CA SER A 391 0.00 25.48 0.57
C SER A 391 -1.51 25.68 0.46
N SER A 392 -2.25 24.64 0.09
CA SER A 392 -3.69 24.80 -0.11
C SER A 392 -4.42 25.05 1.21
N ALA A 393 -3.99 24.38 2.28
CA ALA A 393 -4.63 24.59 3.57
C ALA A 393 -4.34 25.99 4.11
N PHE A 394 -3.09 26.45 3.99
CA PHE A 394 -2.74 27.78 4.46
C PHE A 394 -3.54 28.85 3.72
N VAL A 395 -3.58 28.75 2.39
CA VAL A 395 -4.15 29.83 1.60
C VAL A 395 -5.65 29.92 1.79
N SER A 396 -6.34 28.78 1.93
CA SER A 396 -7.79 28.82 2.07
C SER A 396 -8.23 29.18 3.49
N GLU A 397 -7.47 28.78 4.50
CA GLU A 397 -7.79 29.20 5.87
C GLU A 397 -7.62 30.69 6.04
N PHE A 398 -6.41 31.19 5.76
CA PHE A 398 -6.13 32.61 5.92
C PHE A 398 -6.76 33.46 4.82
N GLY A 399 -7.29 32.84 3.78
CA GLY A 399 -8.18 33.50 2.85
C GLY A 399 -9.60 33.65 3.34
N GLY A 400 -9.94 33.05 4.47
CA GLY A 400 -11.24 33.25 5.08
C GLY A 400 -12.27 32.19 4.77
N GLY A 401 -11.87 31.07 4.18
CA GLY A 401 -12.83 30.12 3.62
C GLY A 401 -13.28 28.99 4.53
N GLY A 402 -13.88 29.32 5.66
CA GLY A 402 -14.64 28.36 6.42
C GLY A 402 -14.02 27.93 7.73
N GLY A 403 -12.74 28.22 7.94
CA GLY A 403 -12.05 27.89 9.18
C GLY A 403 -10.92 26.91 8.95
N VAL A 404 -10.40 26.42 10.06
CA VAL A 404 -9.22 25.55 10.03
C VAL A 404 -9.56 24.17 9.46
N ARG A 405 -10.56 23.51 10.03
CA ARG A 405 -10.92 22.18 9.57
CA ARG A 405 -10.92 22.18 9.57
C ARG A 405 -11.27 22.19 8.08
N ASP A 406 -12.07 23.18 7.65
CA ASP A 406 -12.46 23.26 6.25
C ASP A 406 -11.26 23.48 5.35
N ALA A 407 -10.27 24.25 5.80
CA ALA A 407 -9.05 24.43 5.02
C ALA A 407 -8.33 23.10 4.83
N LEU A 408 -8.31 22.27 5.88
CA LEU A 408 -7.71 20.94 5.76
C LEU A 408 -8.48 20.08 4.79
N LEU A 409 -9.81 20.20 4.78
CA LEU A 409 -10.62 19.40 3.86
C LEU A 409 -10.36 19.80 2.42
N PHE A 410 -10.25 21.11 2.15
CA PHE A 410 -9.95 21.54 0.78
C PHE A 410 -8.57 21.04 0.33
N ALA A 411 -7.59 21.06 1.23
CA ALA A 411 -6.26 20.58 0.86
C ALA A 411 -6.30 19.10 0.51
N SER A 412 -7.08 18.31 1.26
CA SER A 412 -7.23 16.89 0.94
C SER A 412 -7.88 16.70 -0.43
N LEU A 413 -8.84 17.57 -0.77
CA LEU A 413 -9.46 17.49 -2.09
C LEU A 413 -8.45 17.85 -3.18
N ALA A 414 -7.64 18.87 -2.95
CA ALA A 414 -6.64 19.27 -3.95
C ALA A 414 -5.59 18.19 -4.13
N ALA A 415 -5.18 17.52 -3.06
CA ALA A 415 -4.17 16.47 -3.17
C ALA A 415 -4.69 15.30 -3.99
N ALA A 416 -5.91 14.84 -3.71
CA ALA A 416 -6.49 13.75 -4.47
C ALA A 416 -6.71 14.13 -5.93
N ALA A 417 -7.23 15.34 -6.17
CA ALA A 417 -7.43 15.80 -7.54
C ALA A 417 -6.14 15.79 -8.33
N LYS A 418 -5.06 16.31 -7.73
CA LYS A 418 -3.76 16.29 -8.39
C LYS A 418 -3.29 14.86 -8.63
N ALA A 419 -3.46 13.99 -7.63
CA ALA A 419 -3.06 12.60 -7.78
C ALA A 419 -3.86 11.88 -8.87
N MET A 420 -5.17 12.17 -8.97
CA MET A 420 -5.99 11.52 -9.99
C MET A 420 -5.64 11.97 -11.39
N LYS A 421 -5.35 13.26 -11.56
CA LYS A 421 -5.30 13.88 -12.88
C LYS A 421 -3.89 14.13 -13.37
N GLY A 422 -2.89 14.00 -12.51
CA GLY A 422 -1.52 14.27 -12.92
C GLY A 422 -1.19 15.73 -12.76
N ASN A 423 -1.92 16.60 -13.45
CA ASN A 423 -1.73 18.04 -13.29
C ASN A 423 -3.07 18.75 -13.45
N LEU A 424 -3.33 19.69 -12.55
CA LEU A 424 -4.53 20.49 -12.57
C LEU A 424 -4.33 21.73 -13.42
N GLU A 425 -5.40 22.17 -14.05
CA GLU A 425 -5.40 23.42 -14.80
C GLU A 425 -6.38 24.45 -14.26
N ARG A 426 -7.52 24.02 -13.73
CA ARG A 426 -8.54 24.93 -13.23
C ARG A 426 -9.07 24.39 -11.90
N ILE A 427 -9.41 25.31 -10.99
CA ILE A 427 -9.76 24.91 -9.63
C ILE A 427 -11.07 24.13 -9.60
N GLU A 428 -11.94 24.32 -10.61
CA GLU A 428 -13.20 23.58 -10.66
C GLU A 428 -12.97 22.09 -10.80
N GLN A 429 -11.84 21.68 -11.38
CA GLN A 429 -11.55 20.25 -11.52
C GLN A 429 -11.41 19.55 -10.18
N ILE A 430 -11.10 20.29 -9.10
CA ILE A 430 -10.97 19.68 -7.79
C ILE A 430 -12.29 19.12 -7.29
N ARG A 431 -13.42 19.60 -7.79
CA ARG A 431 -14.71 19.02 -7.44
C ARG A 431 -14.75 17.52 -7.74
N ASP A 432 -14.02 17.07 -8.77
CA ASP A 432 -13.99 15.65 -9.10
C ASP A 432 -13.45 14.79 -7.96
N ALA A 433 -12.66 15.36 -7.06
CA ALA A 433 -12.10 14.60 -5.95
C ALA A 433 -13.13 14.27 -4.89
N LEU A 434 -14.30 14.93 -4.90
CA LEU A 434 -15.38 14.52 -4.01
C LEU A 434 -15.83 13.09 -4.27
N SER A 435 -15.53 12.55 -5.45
CA SER A 435 -15.85 11.16 -5.77
C SER A 435 -14.92 10.15 -5.11
N VAL A 436 -13.77 10.59 -4.62
CA VAL A 436 -12.82 9.67 -3.99
C VAL A 436 -13.29 9.37 -2.57
N PRO A 437 -13.44 8.11 -2.19
CA PRO A 437 -13.97 7.80 -0.86
C PRO A 437 -13.04 8.31 0.24
N THR A 438 -13.64 8.76 1.33
CA THR A 438 -12.87 9.19 2.49
C THR A 438 -12.30 7.97 3.21
N ASN A 439 -11.06 8.10 3.68
CA ASN A 439 -10.37 7.01 4.37
C ASN A 439 -11.14 6.62 5.62
N GLU A 440 -11.71 5.41 5.63
CA GLU A 440 -12.55 4.98 6.74
C GLU A 440 -11.72 4.60 7.96
N ARG A 441 -10.46 4.20 7.76
CA ARG A 441 -9.61 3.87 8.88
C ARG A 441 -9.30 5.12 9.70
N ALA A 442 -9.09 6.25 9.02
CA ALA A 442 -8.92 7.52 9.72
C ALA A 442 -10.25 8.01 10.29
N ILE A 443 -11.37 7.71 9.63
CA ILE A 443 -12.66 8.15 10.14
C ILE A 443 -12.94 7.53 11.50
N VAL A 444 -12.60 6.24 11.67
CA VAL A 444 -12.82 5.60 12.96
C VAL A 444 -11.69 5.91 13.93
N LEU A 445 -10.52 6.33 13.44
CA LEU A 445 -9.43 6.74 14.33
C LEU A 445 -9.82 7.95 15.16
N GLU A 446 -10.70 8.81 14.64
CA GLU A 446 -11.15 9.98 15.41
C GLU A 446 -11.88 9.57 16.67
N GLU A 447 -12.39 8.34 16.74
CA GLU A 447 -13.01 7.86 17.98
C GLU A 447 -12.01 7.79 19.11
N GLU A 448 -10.75 7.46 18.82
CA GLU A 448 -9.73 7.42 19.85
C GLU A 448 -9.41 8.82 20.36
N LEU A 449 -9.46 9.83 19.48
CA LEU A 449 -9.20 11.20 19.89
C LEU A 449 -10.26 11.69 20.87
N GLU A 450 -11.53 11.30 20.66
CA GLU A 450 -12.60 11.78 21.51
C GLU A 450 -12.56 11.13 22.88
N LYS A 451 -12.09 9.89 22.99
CA LYS A 451 -12.00 9.23 24.28
C LYS A 451 -10.86 9.80 25.12
N GLU A 452 -9.76 10.17 24.47
CA GLU A 452 -8.60 10.69 25.18
C GLU A 452 -8.69 12.19 25.47
N PHE A 453 -9.52 12.93 24.73
CA PHE A 453 -9.57 14.38 24.85
C PHE A 453 -10.97 14.88 25.24
N THR A 454 -11.82 14.02 25.77
CA THR A 454 -13.13 14.43 26.26
C THR A 454 -13.69 13.43 27.26
N GLU B 3 7.50 -17.53 35.41
CA GLU B 3 7.69 -16.16 35.86
C GLU B 3 6.59 -15.27 35.28
N SER B 4 6.99 -14.24 34.53
CA SER B 4 6.01 -13.38 33.87
C SER B 4 5.34 -14.09 32.68
N LEU B 5 5.86 -15.25 32.27
CA LEU B 5 5.20 -16.01 31.21
C LEU B 5 3.84 -16.50 31.68
N LYS B 6 3.78 -17.13 32.85
CA LYS B 6 2.49 -17.52 33.41
C LYS B 6 1.61 -16.29 33.66
N ASP B 7 2.24 -15.12 33.88
CA ASP B 7 1.49 -13.88 33.99
C ASP B 7 0.96 -13.44 32.62
N ARG B 8 1.79 -13.59 31.58
CA ARG B 8 1.36 -13.19 30.23
C ARG B 8 0.36 -14.18 29.64
N ILE B 9 0.52 -15.47 29.94
CA ILE B 9 -0.38 -16.46 29.38
C ILE B 9 -1.79 -16.28 29.93
N ARG B 10 -1.91 -15.71 31.13
CA ARG B 10 -3.22 -15.37 31.68
C ARG B 10 -3.79 -14.11 31.06
N LEU B 11 -2.93 -13.24 30.53
CA LEU B 11 -3.40 -12.02 29.87
C LEU B 11 -4.09 -12.33 28.55
N TRP B 12 -3.52 -13.27 27.77
CA TRP B 12 -4.13 -13.61 26.48
C TRP B 12 -5.42 -14.39 26.65
N LYS B 13 -5.65 -15.03 27.80
CA LYS B 13 -6.95 -15.63 28.06
C LYS B 13 -8.03 -14.56 28.15
N ARG B 14 -7.73 -13.44 28.82
CA ARG B 14 -8.69 -12.34 28.91
C ARG B 14 -8.95 -11.74 27.54
N LEU B 15 -7.92 -11.60 26.71
CA LEU B 15 -8.10 -10.99 25.40
C LEU B 15 -8.86 -11.92 24.46
N TYR B 16 -8.55 -13.21 24.49
CA TYR B 16 -9.25 -14.17 23.63
C TYR B 16 -10.74 -14.21 23.96
N VAL B 17 -11.08 -14.23 25.26
CA VAL B 17 -12.48 -14.29 25.66
C VAL B 17 -13.22 -13.06 25.19
N ASN B 18 -12.68 -11.88 25.47
CA ASN B 18 -13.37 -10.64 25.14
C ASN B 18 -13.49 -10.44 23.64
N ALA B 19 -12.49 -10.88 22.87
CA ALA B 19 -12.55 -10.71 21.42
C ALA B 19 -13.63 -11.61 20.80
N PHE B 20 -13.78 -12.83 21.33
CA PHE B 20 -14.80 -13.73 20.81
C PHE B 20 -16.20 -13.15 21.02
N GLU B 21 -16.43 -12.52 22.17
CA GLU B 21 -17.74 -11.90 22.42
C GLU B 21 -17.99 -10.74 21.47
N ASN B 22 -16.94 -9.97 21.14
CA ASN B 22 -17.12 -8.86 20.22
C ASN B 22 -17.38 -9.34 18.80
N ALA B 23 -16.83 -10.49 18.42
CA ALA B 23 -17.09 -11.02 17.08
C ALA B 23 -18.54 -11.41 16.91
N LEU B 24 -19.15 -11.99 17.96
CA LEU B 24 -20.55 -12.42 17.86
C LEU B 24 -21.48 -11.24 17.62
N ASN B 25 -21.23 -10.11 18.30
CA ASN B 25 -22.08 -8.94 18.14
C ASN B 25 -21.76 -8.16 16.86
N ALA B 26 -20.57 -8.34 16.28
CA ALA B 26 -20.17 -7.59 15.11
C ALA B 26 -20.51 -8.29 13.79
N ILE B 27 -20.72 -9.61 13.82
CA ILE B 27 -21.04 -10.32 12.57
C ILE B 27 -22.34 -9.87 11.96
N PRO B 28 -23.43 -9.61 12.69
CA PRO B 28 -24.66 -9.13 12.05
C PRO B 28 -24.53 -7.78 11.34
N ASN B 29 -23.43 -7.04 11.54
CA ASN B 29 -23.28 -5.75 10.88
C ASN B 29 -22.96 -5.88 9.40
N VAL B 30 -22.49 -7.03 8.94
CA VAL B 30 -22.09 -7.16 7.54
C VAL B 30 -23.33 -7.37 6.68
N LYS B 31 -23.38 -6.65 5.56
CA LYS B 31 -24.54 -6.76 4.67
C LYS B 31 -24.50 -8.03 3.84
N GLY B 32 -23.32 -8.40 3.34
CA GLY B 32 -23.17 -9.57 2.50
C GLY B 32 -21.75 -9.72 1.98
N VAL B 33 -21.34 -10.94 1.63
CA VAL B 33 -19.98 -11.21 1.17
C VAL B 33 -20.03 -12.02 -0.12
N LEU B 34 -19.22 -11.63 -1.09
CA LEU B 34 -19.10 -12.34 -2.36
C LEU B 34 -17.86 -13.21 -2.33
N LEU B 35 -17.98 -14.45 -2.78
CA LEU B 35 -16.88 -15.41 -2.76
C LEU B 35 -16.66 -15.96 -4.17
N ALA B 36 -15.45 -15.80 -4.68
CA ALA B 36 -15.07 -16.28 -6.00
C ALA B 36 -13.56 -16.57 -5.98
N TYR B 37 -13.07 -17.50 -6.81
CA TYR B 37 -13.85 -18.18 -7.85
C TYR B 37 -13.95 -19.70 -7.72
N ASN B 38 -13.17 -20.31 -6.82
CA ASN B 38 -12.97 -21.75 -6.88
C ASN B 38 -13.85 -22.48 -5.86
N THR B 39 -14.74 -23.33 -6.37
CA THR B 39 -15.57 -24.23 -5.58
C THR B 39 -15.60 -25.59 -6.27
N ASN B 40 -15.50 -26.66 -5.49
CA ASN B 40 -15.47 -28.01 -6.03
C ASN B 40 -15.91 -28.99 -4.94
N ILE B 41 -15.80 -30.28 -5.23
CA ILE B 41 -16.10 -31.36 -4.30
C ILE B 41 -14.80 -31.88 -3.72
N ASP B 42 -14.78 -32.11 -2.41
CA ASP B 42 -13.63 -32.69 -1.72
C ASP B 42 -14.01 -34.07 -1.20
N ALA B 43 -13.33 -35.10 -1.72
CA ALA B 43 -13.55 -36.48 -1.29
C ALA B 43 -12.39 -36.89 -0.38
N ILE B 44 -12.67 -37.05 0.90
CA ILE B 44 -11.65 -37.27 1.92
C ILE B 44 -11.55 -38.76 2.20
N LYS B 45 -10.33 -39.29 2.14
CA LYS B 45 -10.06 -40.69 2.47
C LYS B 45 -8.92 -40.75 3.48
N TYR B 46 -9.18 -41.35 4.63
CA TYR B 46 -8.16 -41.55 5.66
C TYR B 46 -7.41 -42.82 5.33
N LEU B 47 -6.12 -42.69 5.01
CA LEU B 47 -5.36 -43.78 4.42
C LEU B 47 -5.27 -44.99 5.35
N ASP B 48 -5.31 -46.17 4.75
CA ASP B 48 -5.10 -47.44 5.44
C ASP B 48 -3.78 -48.02 4.96
N ALA B 49 -2.83 -48.19 5.89
CA ALA B 49 -1.50 -48.67 5.53
C ALA B 49 -1.54 -50.05 4.91
N ASP B 50 -2.58 -50.85 5.17
CA ASP B 50 -2.67 -52.18 4.58
C ASP B 50 -3.16 -52.10 3.14
N ASP B 51 -4.19 -51.30 2.88
CA ASP B 51 -4.72 -51.20 1.52
C ASP B 51 -3.72 -50.51 0.59
N LEU B 52 -3.10 -49.42 1.05
CA LEU B 52 -2.06 -48.78 0.28
C LEU B 52 -0.89 -49.72 0.03
N GLU B 53 -0.62 -50.62 0.97
CA GLU B 53 0.42 -51.62 0.78
C GLU B 53 0.07 -52.59 -0.34
N LYS B 54 -1.22 -52.91 -0.48
CA LYS B 54 -1.67 -53.85 -1.50
C LYS B 54 -1.81 -53.17 -2.86
N ARG B 55 -2.24 -51.91 -2.89
CA ARG B 55 -2.41 -51.22 -4.16
C ARG B 55 -1.09 -50.91 -4.84
N VAL B 56 -0.02 -50.73 -4.05
CA VAL B 56 1.29 -50.47 -4.64
C VAL B 56 1.89 -51.77 -5.18
N THR B 57 1.69 -52.88 -4.48
CA THR B 57 2.30 -54.14 -4.92
C THR B 57 1.67 -54.65 -6.22
N GLU B 58 0.49 -54.16 -6.59
CA GLU B 58 -0.11 -54.55 -7.87
C GLU B 58 0.62 -53.90 -9.04
N LYS B 59 1.01 -52.63 -8.88
CA LYS B 59 1.69 -51.89 -9.93
C LYS B 59 3.22 -51.91 -9.78
N GLY B 60 3.75 -52.78 -8.92
CA GLY B 60 5.18 -52.86 -8.71
C GLY B 60 5.69 -51.81 -7.76
N LYS B 61 6.38 -52.22 -6.69
CA LYS B 61 6.85 -51.26 -5.70
C LYS B 61 8.00 -50.42 -6.24
N GLU B 62 8.84 -50.99 -7.12
CA GLU B 62 9.93 -50.21 -7.69
C GLU B 62 9.43 -49.22 -8.74
N LYS B 63 8.36 -49.58 -9.45
CA LYS B 63 7.67 -48.61 -10.29
C LYS B 63 7.22 -47.41 -9.47
N VAL B 64 6.78 -47.65 -8.24
CA VAL B 64 6.24 -46.58 -7.41
C VAL B 64 7.35 -45.84 -6.67
N PHE B 65 8.32 -46.58 -6.12
CA PHE B 65 9.38 -45.94 -5.35
C PHE B 65 10.30 -45.09 -6.23
N GLU B 66 10.47 -45.47 -7.49
CA GLU B 66 11.24 -44.63 -8.41
C GLU B 66 10.61 -43.25 -8.56
N ILE B 67 9.28 -43.19 -8.54
CA ILE B 67 8.57 -41.93 -8.70
C ILE B 67 8.73 -41.05 -7.47
N ILE B 68 8.97 -41.65 -6.30
CA ILE B 68 9.14 -40.85 -5.08
C ILE B 68 10.38 -39.98 -5.17
N GLU B 69 11.45 -40.51 -5.76
CA GLU B 69 12.71 -39.78 -5.91
C GLU B 69 12.86 -39.14 -7.30
N ASN B 70 11.92 -39.38 -8.21
CA ASN B 70 11.94 -38.78 -9.54
C ASN B 70 10.51 -38.39 -9.90
N PRO B 71 9.94 -37.43 -9.17
CA PRO B 71 8.49 -37.18 -9.28
C PRO B 71 8.16 -36.33 -10.49
N PRO B 72 7.05 -36.63 -11.16
CA PRO B 72 6.55 -35.76 -12.22
C PRO B 72 5.77 -34.58 -11.64
N GLU B 73 5.36 -33.68 -12.52
CA GLU B 73 4.60 -32.51 -12.09
C GLU B 73 3.12 -32.83 -11.91
N LYS B 74 2.62 -33.87 -12.57
CA LYS B 74 1.21 -34.23 -12.54
C LYS B 74 1.09 -35.75 -12.56
N ILE B 75 -0.15 -36.24 -12.46
CA ILE B 75 -0.43 -37.67 -12.43
C ILE B 75 -0.91 -38.09 -13.80
N SER B 76 -0.12 -38.92 -14.48
CA SER B 76 -0.45 -39.44 -15.79
C SER B 76 -0.72 -40.95 -15.77
N SER B 77 -0.58 -41.61 -14.62
CA SER B 77 -0.79 -43.04 -14.51
C SER B 77 -1.01 -43.37 -13.04
N ILE B 78 -1.48 -44.60 -12.79
CA ILE B 78 -1.76 -45.01 -11.42
C ILE B 78 -0.46 -45.12 -10.62
N GLU B 79 0.66 -45.43 -11.27
CA GLU B 79 1.94 -45.51 -10.58
C GLU B 79 2.34 -44.15 -10.02
N GLU B 80 2.20 -43.09 -10.83
CA GLU B 80 2.53 -41.74 -10.36
C GLU B 80 1.55 -41.24 -9.32
N LEU B 81 0.35 -41.83 -9.24
CA LEU B 81 -0.59 -41.47 -8.19
C LEU B 81 -0.13 -41.99 -6.84
N LEU B 82 0.19 -43.29 -6.78
CA LEU B 82 0.66 -43.86 -5.52
C LEU B 82 2.04 -43.33 -5.15
N GLY B 83 2.92 -43.16 -6.14
CA GLY B 83 4.22 -42.57 -5.87
C GLY B 83 4.11 -41.17 -5.30
N GLY B 84 3.11 -40.41 -5.76
CA GLY B 84 2.88 -39.09 -5.19
C GLY B 84 2.33 -39.14 -3.78
N ILE B 85 1.50 -40.13 -3.47
CA ILE B 85 0.96 -40.26 -2.11
C ILE B 85 2.08 -40.62 -1.14
N LEU B 86 2.93 -41.59 -1.52
CA LEU B 86 4.02 -42.00 -0.64
C LEU B 86 5.05 -40.89 -0.46
N ARG B 87 5.23 -40.03 -1.47
CA ARG B 87 6.19 -38.94 -1.34
C ARG B 87 5.68 -37.88 -0.36
N SER B 88 4.39 -37.58 -0.40
CA SER B 88 3.80 -36.68 0.59
C SER B 88 3.88 -37.27 2.00
N ILE B 89 3.95 -38.60 2.11
CA ILE B 89 4.11 -39.22 3.42
C ILE B 89 5.53 -39.00 3.95
N LYS B 90 6.53 -39.33 3.13
CA LYS B 90 7.91 -39.24 3.58
C LYS B 90 8.28 -37.80 3.95
N LEU B 91 7.91 -36.85 3.10
CA LEU B 91 8.21 -35.45 3.36
C LEU B 91 7.26 -34.83 4.38
N GLY B 92 6.08 -35.40 4.57
CA GLY B 92 5.08 -34.77 5.41
C GLY B 92 4.62 -33.42 4.89
N LYS B 93 4.67 -33.23 3.58
CA LYS B 93 4.34 -31.95 2.95
C LYS B 93 2.97 -32.03 2.28
N ALA B 94 2.26 -30.90 2.30
CA ALA B 94 0.94 -30.79 1.69
C ALA B 94 1.11 -30.66 0.18
N MET B 95 0.96 -31.77 -0.53
CA MET B 95 1.16 -31.81 -1.97
C MET B 95 -0.17 -31.98 -2.68
N GLU B 96 -0.26 -31.39 -3.87
CA GLU B 96 -1.46 -31.50 -4.70
C GLU B 96 -1.02 -31.67 -6.15
N TRP B 97 -1.36 -32.81 -6.74
CA TRP B 97 -1.02 -33.12 -8.13
C TRP B 97 -2.28 -33.24 -8.96
N PHE B 98 -2.26 -32.62 -10.14
CA PHE B 98 -3.40 -32.66 -11.05
C PHE B 98 -3.47 -34.00 -11.75
N VAL B 99 -4.68 -34.56 -11.83
CA VAL B 99 -4.90 -35.88 -12.40
C VAL B 99 -5.28 -35.70 -13.86
N GLU B 100 -4.31 -35.86 -14.75
CA GLU B 100 -4.57 -35.65 -16.17
C GLU B 100 -5.19 -36.87 -16.84
N SER B 101 -4.88 -38.06 -16.37
CA SER B 101 -5.25 -39.30 -17.06
C SER B 101 -6.65 -39.74 -16.70
N GLU B 102 -7.46 -40.02 -17.72
CA GLU B 102 -8.83 -40.47 -17.49
C GLU B 102 -8.89 -41.84 -16.84
N GLU B 103 -7.90 -42.69 -17.11
CA GLU B 103 -7.84 -44.00 -16.46
C GLU B 103 -7.66 -43.86 -14.95
N VAL B 104 -6.81 -42.93 -14.52
CA VAL B 104 -6.59 -42.75 -13.09
C VAL B 104 -7.85 -42.17 -12.44
N ARG B 105 -8.58 -41.30 -13.14
CA ARG B 105 -9.81 -40.74 -12.59
C ARG B 105 -10.84 -41.83 -12.33
N ARG B 106 -10.94 -42.83 -13.21
CA ARG B 106 -11.83 -43.95 -12.95
C ARG B 106 -11.30 -44.82 -11.81
N TYR B 107 -9.97 -44.90 -11.67
CA TYR B 107 -9.38 -45.64 -10.55
C TYR B 107 -9.59 -44.90 -9.23
N LEU B 108 -9.52 -43.56 -9.25
CA LEU B 108 -9.79 -42.79 -8.04
C LEU B 108 -11.25 -42.94 -7.60
N ARG B 109 -12.18 -42.91 -8.57
CA ARG B 109 -13.59 -43.05 -8.24
C ARG B 109 -13.91 -44.46 -7.73
N GLU B 110 -13.27 -45.48 -8.33
CA GLU B 110 -13.40 -46.84 -7.82
C GLU B 110 -12.87 -46.96 -6.40
N TRP B 111 -11.72 -46.33 -6.14
CA TRP B 111 -11.12 -46.36 -4.80
C TRP B 111 -12.07 -45.76 -3.77
N GLY B 112 -12.74 -44.67 -4.12
CA GLY B 112 -13.76 -44.12 -3.27
C GLY B 112 -13.24 -43.16 -2.22
N TRP B 113 -14.11 -42.90 -1.25
CA TRP B 113 -13.81 -41.95 -0.19
C TRP B 113 -14.52 -42.39 1.08
N ASP B 114 -14.19 -41.71 2.18
CA ASP B 114 -14.86 -41.96 3.45
C ASP B 114 -15.91 -40.91 3.78
N GLU B 115 -15.79 -39.70 3.25
CA GLU B 115 -16.79 -38.66 3.43
C GLU B 115 -16.63 -37.61 2.35
N LEU B 116 -17.74 -36.96 2.00
CA LEU B 116 -17.73 -35.86 1.05
C LEU B 116 -17.90 -34.54 1.81
N ARG B 117 -17.18 -33.52 1.36
CA ARG B 117 -17.26 -32.21 1.98
C ARG B 117 -17.09 -31.15 0.89
N ILE B 118 -17.56 -29.94 1.18
CA ILE B 118 -17.38 -28.84 0.24
C ILE B 118 -15.89 -28.59 0.05
N GLY B 119 -15.52 -28.19 -1.17
CA GLY B 119 -14.14 -27.95 -1.51
C GLY B 119 -13.94 -26.58 -2.14
N GLY B 120 -12.68 -26.24 -2.36
CA GLY B 120 -12.33 -24.96 -2.93
C GLY B 120 -12.27 -23.85 -1.90
N GLN B 121 -11.41 -22.85 -2.12
CA GLN B 121 -11.29 -21.77 -1.16
C GLN B 121 -12.60 -20.99 -1.03
N ALA B 122 -13.26 -20.70 -2.15
CA ALA B 122 -14.54 -19.98 -2.08
C ALA B 122 -15.63 -20.88 -1.54
N GLY B 123 -15.60 -22.17 -1.88
CA GLY B 123 -16.64 -23.08 -1.41
C GLY B 123 -16.60 -23.29 0.09
N ILE B 124 -15.40 -23.51 0.64
CA ILE B 124 -15.27 -23.74 2.07
C ILE B 124 -15.69 -22.50 2.86
N MET B 125 -15.37 -21.31 2.35
N MET B 125 -15.34 -21.32 2.34
CA MET B 125 -15.75 -20.09 3.03
CA MET B 125 -15.73 -20.07 3.00
C MET B 125 -17.24 -19.78 2.88
C MET B 125 -17.24 -19.83 2.92
N ALA B 126 -17.90 -20.35 1.88
CA ALA B 126 -19.35 -20.18 1.75
C ALA B 126 -20.07 -20.91 2.88
N ASN B 127 -19.68 -22.15 3.15
CA ASN B 127 -20.25 -22.89 4.28
C ASN B 127 -19.90 -22.25 5.61
N LEU B 128 -18.72 -21.62 5.70
CA LEU B 128 -18.30 -20.98 6.95
C LEU B 128 -19.02 -19.66 7.16
N LEU B 129 -18.85 -18.72 6.22
CA LEU B 129 -19.45 -17.39 6.40
C LEU B 129 -20.96 -17.46 6.35
N GLY B 130 -21.52 -18.19 5.38
CA GLY B 130 -22.96 -18.30 5.24
C GLY B 130 -23.58 -19.26 6.23
N GLY B 131 -23.04 -20.47 6.34
CA GLY B 131 -23.65 -21.48 7.18
C GLY B 131 -23.40 -21.31 8.67
N VAL B 132 -22.18 -20.95 9.05
CA VAL B 132 -21.80 -20.84 10.46
C VAL B 132 -22.04 -19.43 10.96
N TYR B 133 -21.45 -18.44 10.29
CA TYR B 133 -21.59 -17.05 10.74
C TYR B 133 -22.92 -16.43 10.37
N ARG B 134 -23.70 -17.09 9.51
CA ARG B 134 -25.03 -16.62 9.08
C ARG B 134 -24.95 -15.30 8.34
N ILE B 135 -23.87 -15.11 7.58
CA ILE B 135 -23.67 -13.92 6.75
C ILE B 135 -24.23 -14.19 5.35
N PRO B 136 -25.08 -13.32 4.82
CA PRO B 136 -25.58 -13.53 3.45
C PRO B 136 -24.43 -13.63 2.47
N THR B 137 -24.28 -14.79 1.84
CA THR B 137 -23.11 -15.12 1.03
C THR B 137 -23.52 -15.46 -0.39
N ILE B 138 -22.85 -14.83 -1.35
CA ILE B 138 -22.99 -15.15 -2.77
C ILE B 138 -21.71 -15.82 -3.22
N VAL B 139 -21.81 -17.08 -3.65
CA VAL B 139 -20.64 -17.89 -3.98
C VAL B 139 -20.66 -18.21 -5.47
N HIS B 140 -19.47 -18.26 -6.06
CA HIS B 140 -19.29 -18.65 -7.45
C HIS B 140 -19.04 -20.15 -7.51
N VAL B 141 -19.92 -20.85 -8.21
CA VAL B 141 -19.87 -22.31 -8.32
C VAL B 141 -19.71 -22.66 -9.80
N PRO B 142 -18.47 -22.94 -10.24
CA PRO B 142 -18.26 -23.25 -11.67
C PRO B 142 -19.16 -24.36 -12.22
N GLN B 143 -19.29 -25.46 -11.48
CA GLN B 143 -20.08 -26.60 -11.91
C GLN B 143 -20.89 -27.11 -10.73
N ASN B 144 -22.20 -27.21 -10.90
CA ASN B 144 -23.13 -27.43 -9.80
C ASN B 144 -24.09 -28.58 -10.10
N PRO B 145 -23.59 -29.82 -10.18
CA PRO B 145 -24.48 -30.98 -10.22
C PRO B 145 -25.02 -31.26 -8.81
N LYS B 146 -25.82 -32.31 -8.72
CA LYS B 146 -26.43 -32.66 -7.43
C LYS B 146 -25.36 -32.95 -6.38
N LEU B 147 -24.33 -33.71 -6.74
CA LEU B 147 -23.29 -34.06 -5.78
C LEU B 147 -22.57 -32.83 -5.25
N GLN B 148 -22.54 -31.74 -6.03
CA GLN B 148 -21.91 -30.50 -5.62
C GLN B 148 -22.84 -29.60 -4.81
N ALA B 149 -24.07 -29.41 -5.29
CA ALA B 149 -25.00 -28.49 -4.64
C ALA B 149 -25.34 -28.94 -3.22
N GLU B 150 -25.46 -30.25 -3.01
CA GLU B 150 -25.87 -30.77 -1.71
C GLU B 150 -24.79 -30.65 -0.64
N LEU B 151 -23.55 -30.31 -1.02
CA LEU B 151 -22.52 -30.08 -0.02
C LEU B 151 -22.63 -28.73 0.65
N PHE B 152 -23.44 -27.82 0.11
CA PHE B 152 -23.69 -26.53 0.74
C PHE B 152 -24.73 -26.69 1.85
N VAL B 153 -24.39 -26.23 3.06
CA VAL B 153 -25.28 -26.38 4.21
C VAL B 153 -26.45 -25.40 4.11
N ASP B 154 -27.47 -25.61 4.92
CA ASP B 154 -28.61 -24.70 4.95
C ASP B 154 -28.19 -23.35 5.53
N GLY B 155 -28.93 -22.31 5.15
CA GLY B 155 -28.62 -20.96 5.56
C GLY B 155 -28.48 -20.02 4.37
N PRO B 156 -28.06 -18.71 4.63
CA PRO B 156 -28.02 -17.69 3.57
C PRO B 156 -26.80 -17.82 2.67
N ILE B 157 -26.83 -18.86 1.83
CA ILE B 157 -25.83 -19.07 0.78
C ILE B 157 -26.54 -19.06 -0.55
N TYR B 158 -26.08 -18.22 -1.46
CA TYR B 158 -26.81 -17.96 -2.70
C TYR B 158 -25.90 -18.10 -3.91
N VAL B 159 -26.48 -18.54 -5.01
CA VAL B 159 -25.82 -18.51 -6.31
C VAL B 159 -26.69 -17.67 -7.24
N PRO B 160 -26.13 -16.93 -8.17
CA PRO B 160 -26.96 -16.18 -9.12
C PRO B 160 -27.52 -17.10 -10.18
N VAL B 161 -28.78 -16.84 -10.54
CA VAL B 161 -29.45 -17.58 -11.61
C VAL B 161 -30.35 -16.60 -12.36
N PHE B 162 -30.40 -16.78 -13.68
CA PHE B 162 -31.15 -15.87 -14.55
C PHE B 162 -32.46 -16.52 -14.96
N GLU B 163 -33.57 -15.95 -14.50
CA GLU B 163 -34.90 -16.32 -14.97
C GLU B 163 -35.27 -15.35 -16.07
N GLY B 164 -35.05 -15.76 -17.32
CA GLY B 164 -35.27 -14.87 -18.45
C GLY B 164 -34.22 -13.77 -18.52
N ASN B 165 -34.53 -12.62 -17.93
CA ASN B 165 -33.63 -11.47 -17.96
C ASN B 165 -33.23 -10.98 -16.58
N LYS B 166 -34.06 -11.15 -15.57
CA LYS B 166 -33.74 -10.69 -14.23
C LYS B 166 -32.89 -11.72 -13.49
N LEU B 167 -32.23 -11.26 -12.42
CA LEU B 167 -31.35 -12.10 -11.62
C LEU B 167 -32.07 -12.55 -10.36
N LYS B 168 -31.84 -13.80 -9.98
CA LYS B 168 -32.38 -14.38 -8.77
C LYS B 168 -31.24 -14.92 -7.93
N LEU B 169 -31.34 -14.73 -6.61
CA LEU B 169 -30.39 -15.29 -5.66
C LEU B 169 -31.08 -16.43 -4.92
N VAL B 170 -30.57 -17.65 -5.11
CA VAL B 170 -31.21 -18.85 -4.60
C VAL B 170 -30.15 -19.78 -4.04
N HIS B 171 -30.59 -20.65 -3.13
CA HIS B 171 -29.66 -21.59 -2.51
C HIS B 171 -29.11 -22.54 -3.57
N PRO B 172 -27.84 -22.96 -3.46
CA PRO B 172 -27.29 -23.89 -4.45
C PRO B 172 -28.12 -25.14 -4.68
N LYS B 173 -28.78 -25.66 -3.64
CA LYS B 173 -29.62 -26.84 -3.83
C LYS B 173 -30.81 -26.58 -4.76
N ASP B 174 -31.23 -25.33 -4.89
CA ASP B 174 -32.33 -24.97 -5.78
C ASP B 174 -31.87 -24.58 -7.18
N ALA B 175 -30.59 -24.74 -7.49
CA ALA B 175 -30.03 -24.39 -8.79
C ALA B 175 -29.18 -25.52 -9.33
N ILE B 176 -29.60 -26.76 -9.08
CA ILE B 176 -28.87 -27.92 -9.59
C ILE B 176 -28.92 -27.93 -11.11
N ALA B 177 -27.77 -28.12 -11.75
CA ALA B 177 -27.65 -28.13 -13.19
C ALA B 177 -26.91 -29.39 -13.64
N GLU B 178 -27.14 -29.77 -14.91
CA GLU B 178 -26.48 -30.93 -15.51
C GLU B 178 -25.05 -30.55 -15.87
N GLU B 179 -24.19 -30.51 -14.85
CA GLU B 179 -22.82 -30.06 -14.99
C GLU B 179 -21.89 -31.09 -14.35
N GLU B 180 -20.59 -30.85 -14.47
CA GLU B 180 -19.58 -31.83 -14.11
C GLU B 180 -19.29 -31.85 -12.62
N GLU B 181 -19.10 -33.05 -12.07
CA GLU B 181 -18.63 -33.21 -10.70
C GLU B 181 -17.13 -32.96 -10.65
N LEU B 182 -16.72 -31.91 -9.94
CA LEU B 182 -15.32 -31.52 -9.83
C LEU B 182 -14.78 -32.04 -8.50
N ILE B 183 -14.11 -33.20 -8.53
CA ILE B 183 -13.72 -33.91 -7.32
C ILE B 183 -12.23 -33.73 -7.08
N HIS B 184 -11.89 -33.34 -5.86
CA HIS B 184 -10.51 -33.33 -5.36
C HIS B 184 -10.39 -34.44 -4.31
N TYR B 185 -9.55 -35.42 -4.59
CA TYR B 185 -9.40 -36.59 -3.71
C TYR B 185 -8.33 -36.28 -2.66
N ILE B 186 -8.74 -36.20 -1.40
CA ILE B 186 -7.86 -35.80 -0.31
C ILE B 186 -7.52 -37.02 0.53
N TYR B 187 -6.24 -37.37 0.56
CA TYR B 187 -5.75 -38.56 1.28
C TYR B 187 -5.04 -38.08 2.54
N GLU B 188 -5.72 -38.22 3.67
CA GLU B 188 -5.27 -37.68 4.96
C GLU B 188 -4.55 -38.77 5.75
N PHE B 189 -3.36 -38.45 6.24
CA PHE B 189 -2.59 -39.36 7.08
C PHE B 189 -2.13 -38.64 8.33
N PRO B 190 -2.01 -39.37 9.45
CA PRO B 190 -1.54 -38.76 10.70
C PRO B 190 -0.02 -38.79 10.81
N ARG B 191 0.47 -38.07 11.82
CA ARG B 191 1.90 -38.11 12.13
C ARG B 191 2.29 -39.50 12.58
N GLY B 192 3.40 -40.01 12.04
CA GLY B 192 3.87 -41.33 12.37
C GLY B 192 3.32 -42.43 11.49
N PHE B 193 2.36 -42.14 10.62
CA PHE B 193 1.85 -43.12 9.68
C PHE B 193 3.00 -43.64 8.82
N GLN B 194 3.13 -44.97 8.72
CA GLN B 194 4.23 -45.54 7.98
C GLN B 194 3.81 -46.80 7.23
N VAL B 195 4.38 -46.96 6.05
CA VAL B 195 4.19 -48.14 5.21
C VAL B 195 5.41 -48.29 4.32
N PHE B 196 5.82 -49.53 4.07
CA PHE B 196 7.00 -49.83 3.25
C PHE B 196 8.24 -49.09 3.79
N ASP B 197 8.52 -49.30 5.08
CA ASP B 197 9.63 -48.66 5.81
C ASP B 197 9.74 -47.15 5.53
N VAL B 198 8.62 -46.50 5.27
CA VAL B 198 8.58 -45.05 5.04
C VAL B 198 7.62 -44.43 6.05
N GLN B 199 8.16 -43.58 6.92
CA GLN B 199 7.39 -42.97 7.99
C GLN B 199 7.21 -41.47 7.74
N ALA B 200 6.07 -40.92 8.26
CA ALA B 200 5.71 -39.52 8.09
C ALA B 200 6.21 -38.69 9.27
N PRO B 201 6.68 -37.46 9.01
CA PRO B 201 7.17 -36.62 10.10
C PRO B 201 6.08 -35.86 10.83
N ARG B 202 5.00 -35.51 10.13
CA ARG B 202 3.93 -34.71 10.71
C ARG B 202 2.61 -35.13 10.07
N GLU B 203 1.55 -34.38 10.36
CA GLU B 203 0.26 -34.60 9.74
C GLU B 203 0.13 -33.72 8.49
N ASN B 204 -0.26 -34.34 7.39
CA ASN B 204 -0.54 -33.64 6.14
C ASN B 204 -1.32 -34.58 5.23
N ARG B 205 -1.56 -34.14 4.00
CA ARG B 205 -2.44 -34.87 3.09
C ARG B 205 -1.97 -34.67 1.66
N PHE B 206 -2.20 -35.70 0.84
CA PHE B 206 -1.98 -35.60 -0.60
C PHE B 206 -3.33 -35.44 -1.28
N ILE B 207 -3.40 -34.51 -2.22
CA ILE B 207 -4.64 -34.19 -2.93
C ILE B 207 -4.47 -34.55 -4.40
N ALA B 208 -5.34 -35.43 -4.90
CA ALA B 208 -5.38 -35.77 -6.31
C ALA B 208 -6.47 -34.94 -6.97
N ASN B 209 -6.08 -34.01 -7.83
CA ASN B 209 -6.98 -33.00 -8.40
C ASN B 209 -7.48 -33.49 -9.76
N ALA B 210 -8.77 -33.78 -9.85
CA ALA B 210 -9.42 -34.27 -11.07
C ALA B 210 -10.44 -33.25 -11.60
N ASP B 211 -10.07 -31.97 -11.57
CA ASP B 211 -10.99 -30.87 -11.80
C ASP B 211 -10.43 -29.99 -12.91
N ASP B 212 -11.09 -30.02 -14.06
CA ASP B 212 -10.61 -29.28 -15.23
C ASP B 212 -11.07 -27.82 -15.25
N TYR B 213 -12.00 -27.44 -14.39
CA TYR B 213 -12.61 -26.12 -14.50
C TYR B 213 -11.90 -25.09 -13.63
N ASN B 214 -11.76 -25.36 -12.34
CA ASN B 214 -10.98 -24.47 -11.48
C ASN B 214 -9.51 -24.45 -11.85
N ALA B 215 -9.04 -25.44 -12.61
CA ALA B 215 -7.65 -25.46 -13.05
C ALA B 215 -7.33 -24.31 -14.00
N ARG B 216 -8.35 -23.69 -14.59
CA ARG B 216 -8.13 -22.53 -15.46
C ARG B 216 -9.05 -21.37 -15.11
N VAL B 217 -9.55 -21.32 -13.86
CA VAL B 217 -10.42 -20.24 -13.37
C VAL B 217 -11.59 -20.04 -14.33
N TYR B 218 -12.33 -21.13 -14.59
CA TYR B 218 -13.55 -21.01 -15.36
C TYR B 218 -14.55 -20.15 -14.61
N MET B 219 -15.24 -19.26 -15.34
CA MET B 219 -16.20 -18.35 -14.73
C MET B 219 -17.58 -18.58 -15.34
N ARG B 220 -18.57 -18.79 -14.47
CA ARG B 220 -19.96 -18.94 -14.91
C ARG B 220 -20.40 -17.74 -15.73
N ARG B 221 -21.26 -18.01 -16.71
CA ARG B 221 -21.87 -16.94 -17.49
C ARG B 221 -22.69 -16.00 -16.62
N GLU B 222 -23.26 -16.50 -15.53
CA GLU B 222 -24.01 -15.65 -14.62
C GLU B 222 -23.11 -14.60 -13.98
N PHE B 223 -21.85 -14.96 -13.69
CA PHE B 223 -20.90 -14.03 -13.11
C PHE B 223 -20.31 -13.09 -14.16
N ARG B 224 -20.10 -13.59 -15.39
CA ARG B 224 -19.46 -12.76 -16.40
C ARG B 224 -20.39 -11.66 -16.91
N GLU B 225 -21.70 -11.89 -16.87
CA GLU B 225 -22.65 -10.94 -17.43
C GLU B 225 -23.50 -10.21 -16.40
N GLY B 226 -23.65 -10.76 -15.19
CA GLY B 226 -24.43 -10.10 -14.17
C GLY B 226 -23.64 -9.82 -12.90
N PHE B 227 -22.37 -9.45 -13.05
CA PHE B 227 -21.54 -9.23 -11.87
C PHE B 227 -21.93 -7.96 -11.13
N GLU B 228 -22.25 -6.88 -11.85
CA GLU B 228 -22.60 -5.63 -11.19
C GLU B 228 -23.89 -5.77 -10.38
N GLU B 229 -24.85 -6.54 -10.89
CA GLU B 229 -26.08 -6.76 -10.14
C GLU B 229 -25.81 -7.57 -8.88
N ILE B 230 -24.83 -8.47 -8.92
CA ILE B 230 -24.42 -9.21 -7.74
C ILE B 230 -23.75 -8.28 -6.73
N THR B 231 -22.91 -7.36 -7.21
CA THR B 231 -22.15 -6.48 -6.32
C THR B 231 -23.06 -5.61 -5.47
N ARG B 232 -24.23 -5.22 -5.99
CA ARG B 232 -25.14 -4.38 -5.22
C ARG B 232 -25.65 -5.08 -3.96
N ASN B 233 -25.51 -6.40 -3.87
CA ASN B 233 -26.00 -7.16 -2.73
C ASN B 233 -24.94 -7.46 -1.68
N VAL B 234 -23.70 -7.00 -1.86
CA VAL B 234 -22.62 -7.37 -0.94
C VAL B 234 -21.94 -6.13 -0.40
N GLU B 235 -21.39 -6.27 0.81
CA GLU B 235 -20.50 -5.28 1.41
C GLU B 235 -19.03 -5.66 1.29
N LEU B 236 -18.72 -6.95 1.35
CA LEU B 236 -17.36 -7.45 1.30
C LEU B 236 -17.21 -8.47 0.17
N ALA B 237 -15.96 -8.70 -0.23
CA ALA B 237 -15.64 -9.71 -1.24
C ALA B 237 -14.29 -10.32 -0.92
N ILE B 238 -14.18 -11.63 -1.16
CA ILE B 238 -12.93 -12.37 -0.97
C ILE B 238 -12.64 -13.11 -2.27
N ILE B 239 -11.49 -12.82 -2.87
CA ILE B 239 -11.12 -13.34 -4.18
C ILE B 239 -10.00 -14.36 -4.00
N SER B 240 -10.17 -15.53 -4.60
CA SER B 240 -9.18 -16.59 -4.51
C SER B 240 -9.25 -17.47 -5.75
N GLY B 241 -8.21 -18.29 -5.93
CA GLY B 241 -8.19 -19.30 -6.98
C GLY B 241 -7.34 -18.98 -8.19
N LEU B 242 -6.72 -17.80 -8.23
CA LEU B 242 -5.96 -17.38 -9.40
C LEU B 242 -4.57 -17.99 -9.46
N GLN B 243 -4.12 -18.66 -8.40
CA GLN B 243 -2.76 -19.20 -8.36
C GLN B 243 -2.51 -20.27 -9.42
N VAL B 244 -3.56 -20.82 -10.04
CA VAL B 244 -3.40 -21.92 -10.99
C VAL B 244 -3.09 -21.47 -12.41
N LEU B 245 -3.14 -20.16 -12.69
CA LEU B 245 -3.03 -19.71 -14.07
C LEU B 245 -1.66 -20.00 -14.67
N LYS B 246 -1.66 -20.48 -15.90
CA LYS B 246 -0.46 -20.54 -16.73
C LYS B 246 -0.48 -19.44 -17.77
N GLU B 247 0.61 -19.30 -18.50
CA GLU B 247 0.75 -18.15 -19.39
C GLU B 247 -0.08 -18.29 -20.67
N TYR B 248 -0.08 -19.46 -21.30
CA TYR B 248 -0.78 -19.65 -22.56
C TYR B 248 -1.78 -20.81 -22.45
N TYR B 249 -2.81 -20.75 -23.29
CA TYR B 249 -3.89 -21.73 -23.30
C TYR B 249 -4.15 -22.19 -24.73
N PRO B 250 -4.65 -23.43 -24.89
CA PRO B 250 -4.73 -24.01 -26.23
C PRO B 250 -5.60 -23.23 -27.21
N ASP B 251 -6.60 -22.50 -26.73
CA ASP B 251 -7.48 -21.74 -27.60
C ASP B 251 -6.89 -20.39 -28.02
N GLY B 252 -5.62 -20.11 -27.69
CA GLY B 252 -4.98 -18.88 -28.07
C GLY B 252 -5.09 -17.76 -27.07
N THR B 253 -5.84 -17.95 -25.99
CA THR B 253 -5.93 -16.96 -24.94
C THR B 253 -4.78 -17.14 -23.95
N THR B 254 -4.55 -16.13 -23.12
CA THR B 254 -3.47 -16.10 -22.16
C THR B 254 -4.04 -15.91 -20.75
N TYR B 255 -3.14 -15.90 -19.76
CA TYR B 255 -3.54 -15.55 -18.40
C TYR B 255 -4.09 -14.14 -18.32
N LYS B 256 -3.65 -13.25 -19.22
CA LYS B 256 -4.14 -11.87 -19.21
C LYS B 256 -5.65 -11.83 -19.44
N ASP B 257 -6.18 -12.79 -20.20
CA ASP B 257 -7.61 -12.79 -20.49
C ASP B 257 -8.42 -13.10 -19.24
N VAL B 258 -7.92 -13.98 -18.37
CA VAL B 258 -8.62 -14.22 -17.11
C VAL B 258 -8.44 -13.03 -16.17
N LEU B 259 -7.22 -12.48 -16.09
CA LEU B 259 -7.00 -11.35 -15.19
C LEU B 259 -7.70 -10.08 -15.65
N ASP B 260 -7.92 -9.91 -16.96
CA ASP B 260 -8.70 -8.77 -17.42
C ASP B 260 -10.13 -8.82 -16.90
N ARG B 261 -10.71 -10.02 -16.83
CA ARG B 261 -12.04 -10.15 -16.24
C ARG B 261 -12.00 -9.92 -14.74
N VAL B 262 -10.97 -10.45 -14.06
CA VAL B 262 -10.82 -10.19 -12.63
C VAL B 262 -10.69 -8.70 -12.36
N GLU B 263 -9.92 -7.99 -13.18
CA GLU B 263 -9.77 -6.55 -12.96
C GLU B 263 -11.07 -5.80 -13.23
N SER B 264 -11.86 -6.25 -14.20
CA SER B 264 -13.17 -5.65 -14.42
C SER B 264 -14.05 -5.80 -13.18
N HIS B 265 -14.06 -7.00 -12.60
CA HIS B 265 -14.83 -7.22 -11.37
C HIS B 265 -14.34 -6.32 -10.25
N LEU B 266 -13.01 -6.17 -10.12
CA LEU B 266 -12.46 -5.28 -9.09
C LEU B 266 -12.90 -3.84 -9.33
N ASN B 267 -12.92 -3.40 -10.58
CA ASN B 267 -13.39 -2.05 -10.89
C ASN B 267 -14.84 -1.87 -10.44
N ILE B 268 -15.67 -2.89 -10.62
CA ILE B 268 -17.07 -2.81 -10.20
C ILE B 268 -17.18 -2.84 -8.68
N LEU B 269 -16.33 -3.63 -8.02
CA LEU B 269 -16.32 -3.65 -6.56
C LEU B 269 -15.95 -2.29 -5.99
N ASN B 270 -14.92 -1.66 -6.55
CA ASN B 270 -14.46 -0.37 -6.04
C ASN B 270 -15.43 0.75 -6.39
N ARG B 271 -16.19 0.59 -7.47
CA ARG B 271 -17.21 1.58 -7.80
C ARG B 271 -18.33 1.58 -6.77
N TYR B 272 -18.66 0.42 -6.21
CA TYR B 272 -19.66 0.31 -5.17
C TYR B 272 -19.06 0.29 -3.77
N ASN B 273 -17.77 0.58 -3.64
CA ASN B 273 -17.07 0.70 -2.36
C ASN B 273 -17.13 -0.58 -1.54
N VAL B 274 -17.23 -1.74 -2.21
CA VAL B 274 -17.09 -3.02 -1.54
C VAL B 274 -15.63 -3.20 -1.15
N LYS B 275 -15.38 -3.69 0.07
CA LYS B 275 -14.02 -4.00 0.50
C LYS B 275 -13.65 -5.40 0.04
N SER B 276 -12.47 -5.54 -0.53
CA SER B 276 -12.03 -6.80 -1.14
C SER B 276 -10.76 -7.31 -0.48
N HIS B 277 -10.68 -8.64 -0.35
CA HIS B 277 -9.55 -9.31 0.27
C HIS B 277 -9.03 -10.39 -0.69
N PHE B 278 -7.73 -10.38 -0.95
CA PHE B 278 -7.12 -11.30 -1.90
C PHE B 278 -6.34 -12.39 -1.17
N GLU B 279 -6.67 -13.64 -1.46
CA GLU B 279 -5.92 -14.78 -0.94
C GLU B 279 -4.77 -15.06 -1.91
N PHE B 280 -3.58 -14.57 -1.56
CA PHE B 280 -2.43 -14.65 -2.46
C PHE B 280 -1.71 -15.97 -2.25
N ALA B 281 -2.38 -17.05 -2.69
CA ALA B 281 -1.78 -18.37 -2.63
C ALA B 281 -0.57 -18.46 -3.56
N TYR B 282 0.29 -19.42 -3.27
CA TYR B 282 1.51 -19.61 -4.05
C TYR B 282 1.21 -19.74 -5.54
N THR B 283 1.77 -18.82 -6.33
CA THR B 283 1.58 -18.76 -7.77
C THR B 283 2.89 -19.12 -8.44
N ALA B 284 2.98 -20.33 -8.99
CA ALA B 284 4.24 -20.83 -9.53
C ALA B 284 4.74 -20.01 -10.71
N ASN B 285 3.85 -19.61 -11.60
CA ASN B 285 4.28 -18.85 -12.77
C ASN B 285 4.61 -17.41 -12.37
N ARG B 286 5.83 -16.97 -12.68
CA ARG B 286 6.31 -15.69 -12.18
C ARG B 286 5.63 -14.50 -12.87
N ARG B 287 5.30 -14.62 -14.15
CA ARG B 287 4.60 -13.54 -14.83
C ARG B 287 3.21 -13.34 -14.25
N VAL B 288 2.49 -14.43 -13.98
CA VAL B 288 1.18 -14.29 -13.32
C VAL B 288 1.33 -13.67 -11.94
N ARG B 289 2.32 -14.13 -11.17
CA ARG B 289 2.52 -13.62 -9.82
C ARG B 289 2.81 -12.14 -9.84
N GLU B 290 3.61 -11.68 -10.82
CA GLU B 290 3.84 -10.26 -11.01
C GLU B 290 2.55 -9.53 -11.33
N ALA B 291 1.75 -10.07 -12.24
CA ALA B 291 0.50 -9.43 -12.63
C ALA B 291 -0.47 -9.35 -11.44
N LEU B 292 -0.46 -10.36 -10.57
CA LEU B 292 -1.29 -10.30 -9.37
C LEU B 292 -0.82 -9.18 -8.43
N VAL B 293 0.49 -9.02 -8.27
CA VAL B 293 1.01 -7.93 -7.44
C VAL B 293 0.55 -6.58 -7.99
N GLU B 294 0.54 -6.43 -9.31
CA GLU B 294 0.10 -5.19 -9.92
C GLU B 294 -1.40 -4.94 -9.73
N LEU B 295 -2.17 -5.95 -9.35
CA LEU B 295 -3.58 -5.79 -9.07
C LEU B 295 -3.88 -5.47 -7.61
N LEU B 296 -2.91 -5.67 -6.71
CA LEU B 296 -3.14 -5.41 -5.30
C LEU B 296 -3.61 -3.98 -4.97
N PRO B 297 -3.21 -2.93 -5.71
CA PRO B 297 -3.75 -1.60 -5.38
C PRO B 297 -5.25 -1.50 -5.46
N LYS B 298 -5.92 -2.41 -6.18
CA LYS B 298 -7.37 -2.37 -6.27
C LYS B 298 -8.06 -3.26 -5.24
N PHE B 299 -7.28 -3.97 -4.42
CA PHE B 299 -7.81 -4.69 -3.27
C PHE B 299 -7.69 -3.82 -2.01
N THR B 300 -8.55 -4.11 -1.04
CA THR B 300 -8.43 -3.48 0.27
C THR B 300 -7.45 -4.22 1.17
N SER B 301 -7.31 -5.54 0.97
CA SER B 301 -6.59 -6.39 1.90
C SER B 301 -6.02 -7.59 1.16
N VAL B 302 -4.97 -8.17 1.72
CA VAL B 302 -4.36 -9.37 1.18
C VAL B 302 -3.92 -10.27 2.33
N GLY B 303 -4.09 -11.59 2.15
CA GLY B 303 -3.67 -12.57 3.14
C GLY B 303 -2.63 -13.50 2.55
N LEU B 304 -1.69 -13.93 3.40
CA LEU B 304 -0.58 -14.77 2.96
C LEU B 304 0.12 -15.39 4.16
N ASN B 305 0.86 -16.46 3.90
CA ASN B 305 1.70 -17.10 4.90
C ASN B 305 3.18 -16.90 4.54
N GLU B 306 4.06 -17.61 5.26
CA GLU B 306 5.49 -17.40 5.07
C GLU B 306 5.95 -17.81 3.68
N VAL B 307 5.46 -18.96 3.19
CA VAL B 307 5.80 -19.40 1.84
C VAL B 307 5.31 -18.39 0.81
N GLU B 308 4.08 -17.89 1.00
CA GLU B 308 3.46 -17.01 0.00
C GLU B 308 4.07 -15.60 0.04
N LEU B 309 4.41 -15.11 1.23
CA LEU B 309 5.08 -13.81 1.32
C LEU B 309 6.49 -13.88 0.75
N ALA B 310 7.22 -14.96 1.05
CA ALA B 310 8.56 -15.13 0.50
C ALA B 310 8.52 -15.22 -1.02
N SER B 311 7.53 -15.94 -1.57
CA SER B 311 7.39 -16.03 -3.01
C SER B 311 7.20 -14.65 -3.64
N ILE B 312 6.47 -13.77 -2.97
CA ILE B 312 6.26 -12.43 -3.50
C ILE B 312 7.53 -11.59 -3.38
N MET B 313 8.31 -11.81 -2.32
CA MET B 313 9.56 -11.06 -2.18
C MET B 313 10.54 -11.39 -3.30
N GLU B 314 10.44 -12.59 -3.89
CA GLU B 314 11.36 -12.96 -4.97
C GLU B 314 11.21 -12.07 -6.20
N ILE B 315 10.04 -11.44 -6.39
CA ILE B 315 9.83 -10.58 -7.55
C ILE B 315 9.78 -9.09 -7.23
N ILE B 316 9.43 -8.70 -6.00
CA ILE B 316 9.41 -7.28 -5.65
C ILE B 316 10.44 -6.90 -4.59
N GLY B 317 10.98 -7.84 -3.83
CA GLY B 317 12.00 -7.53 -2.84
C GLY B 317 13.37 -7.97 -3.29
N ASP B 318 14.04 -8.79 -2.48
CA ASP B 318 15.31 -9.39 -2.86
C ASP B 318 15.30 -10.85 -2.43
N GLU B 319 16.25 -11.61 -2.97
CA GLU B 319 16.29 -13.04 -2.68
C GLU B 319 16.62 -13.31 -1.23
N GLU B 320 17.49 -12.49 -0.61
CA GLU B 320 17.90 -12.74 0.76
C GLU B 320 16.74 -12.58 1.71
N LEU B 321 15.91 -11.56 1.51
CA LEU B 321 14.74 -11.37 2.36
C LEU B 321 13.70 -12.47 2.11
N ALA B 322 13.60 -12.98 0.87
CA ALA B 322 12.70 -14.09 0.62
C ALA B 322 13.12 -15.33 1.40
N LYS B 323 14.42 -15.59 1.47
CA LYS B 323 14.91 -16.72 2.26
C LYS B 323 14.63 -16.52 3.74
N GLU B 324 14.78 -15.29 4.23
CA GLU B 324 14.54 -15.01 5.65
C GLU B 324 13.05 -15.16 5.98
N VAL B 325 12.17 -14.71 5.09
CA VAL B 325 10.74 -14.82 5.34
C VAL B 325 10.30 -16.28 5.30
N LEU B 326 10.87 -17.07 4.37
CA LEU B 326 10.46 -18.46 4.23
C LEU B 326 10.75 -19.26 5.49
N GLU B 327 11.73 -18.83 6.30
CA GLU B 327 12.06 -19.51 7.54
C GLU B 327 11.24 -19.02 8.73
N GLY B 328 10.50 -17.92 8.58
CA GLY B 328 9.61 -17.45 9.61
C GLY B 328 10.17 -16.40 10.56
N HIS B 329 11.40 -15.93 10.34
CA HIS B 329 11.99 -14.92 11.20
C HIS B 329 11.11 -13.67 11.23
N ILE B 330 10.58 -13.35 12.42
CA ILE B 330 9.48 -12.39 12.51
C ILE B 330 9.93 -10.99 12.11
N PHE B 331 11.17 -10.61 12.46
CA PHE B 331 11.69 -9.31 12.02
C PHE B 331 11.76 -9.24 10.51
N SER B 332 12.12 -10.34 9.87
CA SER B 332 12.18 -10.37 8.41
C SER B 332 10.78 -10.34 7.80
N VAL B 333 9.83 -11.04 8.44
CA VAL B 333 8.44 -10.99 7.98
C VAL B 333 7.92 -9.56 8.04
N ILE B 334 8.21 -8.84 9.13
CA ILE B 334 7.73 -7.47 9.26
C ILE B 334 8.33 -6.58 8.17
N ASP B 335 9.63 -6.71 7.91
CA ASP B 335 10.25 -5.97 6.81
C ASP B 335 9.58 -6.28 5.48
N ALA B 336 9.30 -7.57 5.24
CA ALA B 336 8.69 -7.96 3.97
C ALA B 336 7.26 -7.43 3.85
N MET B 337 6.52 -7.41 4.97
CA MET B 337 5.19 -6.82 4.94
C MET B 337 5.24 -5.33 4.59
N ASN B 338 6.23 -4.61 5.12
CA ASN B 338 6.35 -3.19 4.79
C ASN B 338 6.80 -2.98 3.35
N VAL B 339 7.65 -3.86 2.83
CA VAL B 339 8.03 -3.79 1.41
C VAL B 339 6.81 -3.93 0.52
N LEU B 340 5.94 -4.90 0.83
CA LEU B 340 4.76 -5.12 0.00
C LEU B 340 3.81 -3.93 0.08
N MET B 341 3.66 -3.34 1.27
CA MET B 341 2.79 -2.18 1.40
C MET B 341 3.36 -0.97 0.67
N ASP B 342 4.67 -0.73 0.79
CA ASP B 342 5.27 0.39 0.08
C ASP B 342 5.18 0.22 -1.43
N GLU B 343 5.26 -1.02 -1.91
CA GLU B 343 5.20 -1.29 -3.34
C GLU B 343 3.78 -1.12 -3.89
N THR B 344 2.77 -1.63 -3.18
CA THR B 344 1.41 -1.67 -3.68
C THR B 344 0.50 -0.57 -3.13
N GLY B 345 0.88 0.06 -2.02
CA GLY B 345 -0.04 0.98 -1.36
C GLY B 345 -1.30 0.34 -0.82
N ILE B 346 -1.30 -0.98 -0.63
CA ILE B 346 -2.49 -1.67 -0.13
C ILE B 346 -2.72 -1.28 1.34
N GLU B 347 -3.98 -1.36 1.76
CA GLU B 347 -4.36 -0.85 3.08
C GLU B 347 -4.04 -1.85 4.19
N ARG B 348 -4.20 -3.15 3.92
CA ARG B 348 -4.10 -4.14 4.98
C ARG B 348 -3.37 -5.38 4.46
N ILE B 349 -2.46 -5.90 5.28
CA ILE B 349 -1.80 -7.18 5.03
C ILE B 349 -1.98 -8.04 6.27
N HIS B 350 -2.60 -9.20 6.11
CA HIS B 350 -2.77 -10.17 7.19
C HIS B 350 -1.84 -11.34 6.94
N PHE B 351 -0.78 -11.44 7.73
CA PHE B 351 0.18 -12.53 7.67
C PHE B 351 -0.16 -13.57 8.73
N HIS B 352 -0.07 -14.85 8.36
CA HIS B 352 -0.34 -15.93 9.31
C HIS B 352 0.65 -17.05 9.11
N THR B 353 1.13 -17.62 10.21
CA THR B 353 2.07 -18.72 10.16
C THR B 353 1.89 -19.57 11.41
N TYR B 354 2.71 -20.62 11.52
CA TYR B 354 2.66 -21.49 12.68
C TYR B 354 3.06 -20.72 13.93
N GLY B 355 2.07 -20.38 14.75
CA GLY B 355 2.37 -19.74 16.03
C GLY B 355 1.75 -18.38 16.24
N TYR B 356 1.67 -17.56 15.18
CA TYR B 356 1.25 -16.18 15.38
C TYR B 356 0.71 -15.59 14.08
N TYR B 357 -0.09 -14.53 14.23
CA TYR B 357 -0.51 -13.69 13.13
C TYR B 357 0.11 -12.31 13.26
N LEU B 358 0.33 -11.66 12.11
CA LEU B 358 0.67 -10.24 12.06
C LEU B 358 -0.28 -9.57 11.10
N ALA B 359 -0.66 -8.33 11.42
CA ALA B 359 -1.48 -7.50 10.53
C ALA B 359 -0.87 -6.12 10.46
N LEU B 360 -0.48 -5.71 9.26
CA LEU B 360 0.05 -4.38 9.01
C LEU B 360 -1.02 -3.58 8.27
N THR B 361 -1.39 -2.42 8.82
CA THR B 361 -2.39 -1.54 8.22
C THR B 361 -1.84 -0.13 8.12
N GLN B 362 -2.41 0.63 7.19
CA GLN B 362 -2.10 2.06 7.06
C GLN B 362 -3.40 2.81 6.76
N GLY B 363 -3.35 4.10 7.00
CA GLY B 363 -4.47 5.00 6.88
C GLY B 363 -4.81 5.67 8.20
N GLY B 364 -4.40 5.07 9.29
CA GLY B 364 -4.58 5.63 10.62
C GLY B 364 -3.24 5.55 11.31
N GLY B 365 -2.20 5.77 10.53
CA GLY B 365 -0.83 5.64 10.96
C GLY B 365 -0.52 4.21 10.57
N ARG B 366 0.74 3.85 10.39
CA ARG B 366 1.07 2.49 10.03
C ARG B 366 1.10 1.70 11.31
N GLN B 367 0.17 0.78 11.43
CA GLN B 367 0.02 0.00 12.64
C GLN B 367 0.36 -1.46 12.37
N LEU B 368 0.98 -2.11 13.35
CA LEU B 368 1.34 -3.51 13.29
C LEU B 368 0.71 -4.22 14.48
N ALA B 369 -0.10 -5.24 14.20
CA ALA B 369 -0.78 -6.01 15.22
C ALA B 369 -0.20 -7.42 15.30
N PHE B 370 -0.03 -7.91 16.52
CA PHE B 370 0.52 -9.23 16.76
C PHE B 370 -0.46 -10.03 17.62
N VAL B 371 -0.63 -11.29 17.27
CA VAL B 371 -1.50 -12.20 18.02
C VAL B 371 -0.82 -13.57 18.09
N PRO B 372 -0.74 -14.19 19.26
CA PRO B 372 -0.31 -15.58 19.33
C PRO B 372 -1.49 -16.52 19.16
N THR B 373 -1.28 -17.60 18.40
CA THR B 373 -2.36 -18.51 18.04
C THR B 373 -2.45 -19.68 19.00
N LYS B 374 -3.58 -20.37 18.93
CA LYS B 374 -3.83 -21.58 19.71
C LYS B 374 -3.67 -22.78 18.80
N ILE B 375 -2.85 -23.74 19.23
CA ILE B 375 -2.50 -24.90 18.43
C ILE B 375 -3.07 -26.15 19.07
N VAL B 376 -3.81 -26.93 18.29
CA VAL B 376 -4.45 -28.15 18.76
C VAL B 376 -3.46 -29.30 18.64
N ALA B 377 -3.62 -30.31 19.50
CA ALA B 377 -2.70 -31.45 19.54
C ALA B 377 -3.07 -32.55 18.56
N SER B 378 -4.36 -32.87 18.44
CA SER B 378 -4.84 -33.94 17.57
C SER B 378 -5.80 -33.35 16.56
N PRO B 379 -5.29 -32.70 15.51
CA PRO B 379 -6.19 -32.13 14.49
C PRO B 379 -6.77 -33.20 13.58
N LYS B 380 -8.02 -32.99 13.18
CA LYS B 380 -8.73 -33.91 12.31
C LYS B 380 -8.77 -33.47 10.85
N SER B 381 -8.47 -32.21 10.57
CA SER B 381 -8.55 -31.67 9.22
C SER B 381 -7.31 -30.85 8.91
N THR B 382 -6.72 -31.09 7.75
CA THR B 382 -5.58 -30.33 7.25
C THR B 382 -5.96 -29.55 6.00
N VAL B 383 -7.23 -29.13 5.93
CA VAL B 383 -7.76 -28.51 4.73
C VAL B 383 -8.59 -27.30 5.13
N GLY B 384 -8.41 -26.20 4.41
CA GLY B 384 -9.23 -25.02 4.65
C GLY B 384 -8.84 -24.18 5.85
N ILE B 385 -7.77 -24.55 6.57
CA ILE B 385 -7.39 -23.80 7.75
C ILE B 385 -7.04 -22.36 7.40
N GLY B 386 -6.13 -22.17 6.44
CA GLY B 386 -5.73 -20.83 6.07
C GLY B 386 -6.90 -19.98 5.61
N ASP B 387 -7.83 -20.59 4.88
CA ASP B 387 -9.00 -19.86 4.41
C ASP B 387 -9.89 -19.42 5.56
N THR B 388 -10.07 -20.29 6.55
CA THR B 388 -10.80 -19.90 7.76
C THR B 388 -10.12 -18.72 8.46
N ILE B 389 -8.78 -18.73 8.52
CA ILE B 389 -8.05 -17.66 9.20
C ILE B 389 -8.29 -16.33 8.51
N SER B 390 -7.95 -16.25 7.22
CA SER B 390 -7.97 -14.97 6.51
C SER B 390 -9.39 -14.41 6.42
N SER B 391 -10.36 -15.25 6.08
N SER B 391 -10.36 -15.26 6.08
CA SER B 391 -11.73 -14.76 5.88
CA SER B 391 -11.72 -14.75 5.88
C SER B 391 -12.34 -14.30 7.20
C SER B 391 -12.34 -14.30 7.20
N SER B 392 -12.10 -15.04 8.29
CA SER B 392 -12.70 -14.68 9.58
C SER B 392 -12.20 -13.32 10.05
N ALA B 393 -10.89 -13.11 10.04
CA ALA B 393 -10.35 -11.83 10.48
C ALA B 393 -10.81 -10.69 9.60
N PHE B 394 -10.97 -10.93 8.30
CA PHE B 394 -11.35 -9.88 7.36
C PHE B 394 -12.78 -9.42 7.59
N VAL B 395 -13.72 -10.38 7.68
CA VAL B 395 -15.11 -10.00 7.88
C VAL B 395 -15.33 -9.46 9.29
N SER B 396 -14.58 -9.95 10.27
CA SER B 396 -14.75 -9.49 11.64
C SER B 396 -14.28 -8.06 11.82
N GLU B 397 -13.24 -7.64 11.08
CA GLU B 397 -12.70 -6.30 11.24
C GLU B 397 -13.51 -5.27 10.45
N PHE B 398 -13.67 -5.49 9.14
CA PHE B 398 -14.27 -4.48 8.28
C PHE B 398 -15.78 -4.41 8.46
N GLY B 399 -16.48 -5.46 8.03
CA GLY B 399 -17.92 -5.49 8.20
C GLY B 399 -18.35 -5.51 9.65
N GLY B 400 -17.53 -6.11 10.52
CA GLY B 400 -17.85 -6.10 11.93
C GLY B 400 -17.65 -4.75 12.58
N GLY B 401 -16.70 -3.96 12.09
CA GLY B 401 -16.43 -2.66 12.67
C GLY B 401 -15.60 -2.69 13.93
N GLY B 402 -14.85 -3.78 14.18
CA GLY B 402 -14.02 -3.90 15.34
C GLY B 402 -12.54 -3.66 15.03
N GLY B 403 -11.74 -3.76 16.09
CA GLY B 403 -10.32 -3.51 15.96
C GLY B 403 -9.57 -4.62 15.26
N VAL B 404 -8.35 -4.28 14.82
CA VAL B 404 -7.53 -5.21 14.05
C VAL B 404 -7.15 -6.44 14.89
N ARG B 405 -6.79 -6.23 16.15
CA ARG B 405 -6.28 -7.33 16.96
C ARG B 405 -7.39 -8.33 17.28
N ASP B 406 -8.54 -7.83 17.75
CA ASP B 406 -9.64 -8.73 18.10
C ASP B 406 -10.07 -9.58 16.92
N ALA B 407 -10.08 -8.99 15.72
CA ALA B 407 -10.39 -9.78 14.52
C ALA B 407 -9.37 -10.89 14.32
N LEU B 408 -8.11 -10.63 14.64
CA LEU B 408 -7.09 -11.67 14.57
C LEU B 408 -7.34 -12.76 15.60
N LEU B 409 -7.65 -12.37 16.84
CA LEU B 409 -7.90 -13.34 17.90
C LEU B 409 -9.04 -14.27 17.55
N PHE B 410 -10.16 -13.70 17.09
CA PHE B 410 -11.31 -14.52 16.70
C PHE B 410 -10.96 -15.45 15.55
N ALA B 411 -10.12 -14.99 14.62
CA ALA B 411 -9.70 -15.85 13.52
C ALA B 411 -8.93 -17.06 14.03
N SER B 412 -8.08 -16.87 15.04
CA SER B 412 -7.32 -17.99 15.59
C SER B 412 -8.23 -18.99 16.29
N LEU B 413 -9.27 -18.50 16.98
CA LEU B 413 -10.24 -19.39 17.59
C LEU B 413 -10.99 -20.20 16.52
N ALA B 414 -11.37 -19.55 15.43
CA ALA B 414 -12.02 -20.26 14.33
C ALA B 414 -11.09 -21.29 13.73
N ALA B 415 -9.81 -20.94 13.56
CA ALA B 415 -8.83 -21.90 13.09
C ALA B 415 -8.70 -23.06 14.06
N ALA B 416 -8.64 -22.77 15.36
CA ALA B 416 -8.56 -23.83 16.36
C ALA B 416 -9.80 -24.70 16.34
N ALA B 417 -10.99 -24.07 16.34
CA ALA B 417 -12.23 -24.83 16.36
C ALA B 417 -12.39 -25.67 15.09
N LYS B 418 -11.96 -25.14 13.94
CA LYS B 418 -12.03 -25.88 12.70
C LYS B 418 -11.17 -27.15 12.76
N ALA B 419 -9.94 -27.01 13.26
CA ALA B 419 -9.05 -28.16 13.35
C ALA B 419 -9.51 -29.18 14.38
N MET B 420 -10.29 -28.76 15.38
CA MET B 420 -10.77 -29.71 16.39
C MET B 420 -11.81 -30.64 15.79
N LYS B 421 -12.84 -30.09 15.15
CA LYS B 421 -13.98 -30.86 14.67
C LYS B 421 -13.90 -31.20 13.19
N GLY B 422 -12.93 -30.66 12.46
CA GLY B 422 -12.83 -30.93 11.04
C GLY B 422 -13.74 -30.03 10.22
N ASN B 423 -14.89 -29.69 10.78
CA ASN B 423 -15.85 -28.81 10.13
C ASN B 423 -16.67 -28.11 11.21
N LEU B 424 -17.07 -26.88 10.93
CA LEU B 424 -17.91 -26.11 11.84
C LEU B 424 -19.36 -26.11 11.33
N GLU B 425 -20.29 -26.25 12.27
CA GLU B 425 -21.72 -26.20 11.97
C GLU B 425 -22.40 -24.98 12.59
N ARG B 426 -22.03 -24.61 13.81
CA ARG B 426 -22.61 -23.47 14.50
C ARG B 426 -21.52 -22.59 15.06
N ILE B 427 -21.86 -21.32 15.28
CA ILE B 427 -20.88 -20.36 15.76
C ILE B 427 -20.55 -20.56 17.24
N GLU B 428 -21.41 -21.25 17.99
CA GLU B 428 -21.14 -21.51 19.40
C GLU B 428 -20.00 -22.52 19.58
N GLN B 429 -19.72 -23.35 18.59
CA GLN B 429 -18.61 -24.29 18.69
C GLN B 429 -17.27 -23.58 18.80
N ILE B 430 -17.17 -22.34 18.31
CA ILE B 430 -15.92 -21.62 18.38
C ILE B 430 -15.59 -21.24 19.82
N ARG B 431 -16.61 -21.09 20.67
CA ARG B 431 -16.36 -20.82 22.08
C ARG B 431 -15.58 -21.95 22.73
N ASP B 432 -15.78 -23.19 22.27
CA ASP B 432 -15.01 -24.31 22.79
C ASP B 432 -13.52 -24.17 22.52
N ALA B 433 -13.14 -23.40 21.49
CA ALA B 433 -11.73 -23.16 21.21
C ALA B 433 -11.08 -22.25 22.24
N LEU B 434 -11.84 -21.67 23.16
CA LEU B 434 -11.25 -20.84 24.20
C LEU B 434 -10.35 -21.65 25.13
N SER B 435 -10.72 -22.90 25.40
CA SER B 435 -9.92 -23.75 26.27
C SER B 435 -8.72 -24.37 25.57
N VAL B 436 -8.50 -24.05 24.30
CA VAL B 436 -7.31 -24.54 23.59
C VAL B 436 -6.10 -23.75 24.07
N PRO B 437 -4.99 -24.40 24.42
CA PRO B 437 -3.84 -23.66 24.95
C PRO B 437 -3.22 -22.75 23.90
N THR B 438 -2.81 -21.57 24.35
CA THR B 438 -2.14 -20.61 23.47
C THR B 438 -0.68 -21.02 23.31
N ASN B 439 -0.17 -20.88 22.08
CA ASN B 439 1.22 -21.21 21.79
C ASN B 439 2.15 -20.44 22.71
N GLU B 440 2.89 -21.16 23.55
CA GLU B 440 3.73 -20.50 24.55
C GLU B 440 4.93 -19.80 23.92
N ARG B 441 5.53 -20.41 22.90
CA ARG B 441 6.70 -19.81 22.28
C ARG B 441 6.36 -18.50 21.59
N ALA B 442 5.11 -18.33 21.16
CA ALA B 442 4.69 -17.08 20.55
C ALA B 442 4.41 -16.01 21.60
N ILE B 443 4.02 -16.40 22.81
CA ILE B 443 3.85 -15.43 23.90
C ILE B 443 5.14 -14.67 24.13
N VAL B 444 6.21 -15.39 24.46
CA VAL B 444 7.50 -14.78 24.73
C VAL B 444 8.07 -14.12 23.47
N LEU B 445 7.62 -14.55 22.28
CA LEU B 445 8.10 -13.93 21.06
C LEU B 445 7.78 -12.44 21.02
N GLU B 446 6.65 -12.04 21.60
CA GLU B 446 6.26 -10.63 21.58
C GLU B 446 7.23 -9.76 22.38
N GLU B 447 7.91 -10.33 23.38
CA GLU B 447 8.90 -9.57 24.14
C GLU B 447 9.99 -9.04 23.23
N GLU B 448 10.49 -9.87 22.31
CA GLU B 448 11.50 -9.42 21.36
C GLU B 448 10.94 -8.35 20.43
N LEU B 449 9.62 -8.36 20.22
CA LEU B 449 8.99 -7.41 19.31
C LEU B 449 8.96 -5.99 19.86
N GLU B 450 9.09 -5.82 21.18
CA GLU B 450 9.07 -4.49 21.75
C GLU B 450 10.42 -3.78 21.63
N LYS B 451 11.52 -4.54 21.66
CA LYS B 451 12.86 -4.00 21.48
C LYS B 451 13.15 -2.86 22.46
S SO4 C . -3.14 10.65 -2.14
O1 SO4 C . -2.28 11.46 -2.99
O2 SO4 C . -2.97 11.03 -0.74
O3 SO4 C . -4.53 10.85 -2.53
O4 SO4 C . -2.78 9.24 -2.31
S SO4 D . 26.63 20.06 14.61
O1 SO4 D . 25.83 19.80 15.80
O2 SO4 D . 27.35 21.33 14.76
O3 SO4 D . 25.76 20.14 13.43
O4 SO4 D . 27.61 18.99 14.43
S SO4 E . 26.02 9.12 -28.62
O1 SO4 E . 26.91 10.12 -28.03
O2 SO4 E . 24.73 9.74 -28.96
O3 SO4 E . 26.64 8.58 -29.82
O4 SO4 E . 25.78 8.04 -27.66
C1 GOL F . 14.11 17.91 -8.84
O1 GOL F . 14.44 19.24 -9.19
C2 GOL F . 13.95 17.83 -7.32
O2 GOL F . 12.85 16.99 -7.03
C3 GOL F . 15.22 17.25 -6.74
O3 GOL F . 16.33 17.91 -7.30
C1 GOL G . 15.99 18.15 -25.54
O1 GOL G . 16.10 16.79 -25.95
C2 GOL G . 16.90 19.02 -26.40
O2 GOL G . 16.28 20.25 -26.63
C3 GOL G . 18.22 19.25 -25.67
O3 GOL G . 19.03 20.14 -26.40
C1 GOL H . -23.24 14.81 -1.10
O1 GOL H . -23.14 15.62 -2.26
C2 GOL H . -24.45 15.27 -0.29
O2 GOL H . -25.36 15.99 -1.10
C3 GOL H . -24.00 16.13 0.87
O3 GOL H . -23.24 15.34 1.77
C1 GOL I . -5.58 20.14 22.45
O1 GOL I . -6.94 19.76 22.49
C2 GOL I . -4.69 18.91 22.36
O2 GOL I . -3.61 19.15 21.48
C3 GOL I . -4.13 18.58 23.74
O3 GOL I . -3.02 17.73 23.60
C1 GOL J . 6.88 19.34 2.08
O1 GOL J . 8.08 20.03 2.35
C2 GOL J . 5.70 20.27 2.32
O2 GOL J . 6.00 21.57 1.84
C3 GOL J . 5.44 20.34 3.81
O3 GOL J . 5.37 19.02 4.29
S SO4 K . -3.76 -18.08 1.96
O1 SO4 K . -2.70 -18.68 2.77
O2 SO4 K . -3.44 -16.67 1.71
O3 SO4 K . -5.02 -18.16 2.69
O4 SO4 K . -3.88 -18.80 0.70
S SO4 L . -4.16 -25.25 14.59
O1 SO4 L . -5.02 -24.56 15.55
O2 SO4 L . -2.83 -25.40 15.16
O3 SO4 L . -4.08 -24.48 13.36
O4 SO4 L . -4.72 -26.57 14.32
S SO4 M . -13.03 -26.32 -19.36
O1 SO4 M . -11.75 -26.35 -18.66
O2 SO4 M . -13.94 -25.43 -18.65
O3 SO4 M . -12.83 -25.85 -20.74
O4 SO4 M . -13.61 -27.66 -19.41
C1 GOL N . -12.00 3.88 1.35
O1 GOL N . -12.95 3.10 0.66
C2 GOL N . -11.32 3.03 2.42
O2 GOL N . -11.91 3.30 3.67
C3 GOL N . -11.47 1.54 2.11
O3 GOL N . -11.22 0.78 3.27
C1 GOL O . -19.87 -44.40 -3.71
O1 GOL O . -19.99 -43.60 -4.86
C2 GOL O . -18.77 -43.83 -2.81
O2 GOL O . -19.26 -43.71 -1.48
C3 GOL O . -17.57 -44.76 -2.82
O3 GOL O . -16.67 -44.40 -1.80
C1 GOL P . -9.17 -27.85 -1.00
O1 GOL P . -10.56 -27.81 -0.79
C2 GOL P . -8.90 -28.09 -2.49
O2 GOL P . -9.11 -29.45 -2.79
C3 GOL P . -7.47 -27.71 -2.83
O3 GOL P . -7.29 -27.74 -4.23
C1 GOL Q . -11.28 0.60 7.97
O1 GOL Q . -12.07 0.37 6.81
C2 GOL Q . -12.15 0.43 9.22
O2 GOL Q . -13.24 -0.41 8.94
C3 GOL Q . -11.31 -0.15 10.36
O3 GOL Q . -10.82 -1.42 10.02
C1 GOL R . 2.94 4.39 1.57
O1 GOL R . 1.80 4.65 2.37
C2 GOL R . 2.59 3.36 0.50
O2 GOL R . 1.20 3.38 0.26
C3 GOL R . 3.34 3.71 -0.79
O3 GOL R . 2.64 3.19 -1.90
C1 GOL S . 3.69 -4.90 18.46
O1 GOL S . 2.79 -5.49 19.37
C2 GOL S . 3.21 -3.50 18.08
O2 GOL S . 2.26 -3.07 19.03
C3 GOL S . 4.40 -2.55 18.06
O3 GOL S . 5.41 -3.05 17.22
#